data_7WBL
#
_entry.id   7WBL
#
_cell.length_a   1.00
_cell.length_b   1.00
_cell.length_c   1.00
_cell.angle_alpha   90.00
_cell.angle_beta   90.00
_cell.angle_gamma   90.00
#
_symmetry.space_group_name_H-M   'P 1'
#
loop_
_entity.id
_entity.type
_entity.pdbx_description
1 polymer 'Angiotensin-converting enzyme 2'
2 polymer 'Spike protein S1'
3 non-polymer 2-acetamido-2-deoxy-beta-D-glucopyranose
4 non-polymer 'ZINC ION'
#
loop_
_entity_poly.entity_id
_entity_poly.type
_entity_poly.pdbx_seq_one_letter_code
_entity_poly.pdbx_strand_id
1 'polypeptide(L)'
;STIEEQAKTFLDKFNHEAEDLFYQSSLASWNYNTNITEENVQNMNNAGDKWSAFLKEQSTLAQMYPLQEIQNLTVKLQLQ
ALQQNGSSVLSEDKSKRLNTILNTMSTIYSTGKVCNPDNPQECLLLEPGLNEIMANSLDYNERLWAWESWRSEVGKQLRP
LYEEYVVLKNEMARANHYEDYGDYWRGDYEVNGVDGYDYSRGQLIEDVEHTFEEIKPLYEHLHAYVRAKLMNAYPSYISP
IGCLPAHLLGDMWGRFWTNLYSLTVPFGQKPNIDVTDAMVDQAWDAQRIFKEAEKFFVSVGLPNMTQGFWENSMLTDPGN
VQKAVCHPTAWDLGKGDFRILMCTKVTMDDFLTAHHEMGHIQYDMAYAAQPFLLRNGANEGFHEAVGEIMSLSAATPKHL
KSIGLLSPDFQEDNETEINFLLKQALTIVGTLPFTYMLEKWRWMVFKGEIPKDQWMKKWWEMKREIVGVVEPVPHDETYC
DPASLFHVSNDYSFIRYYTRTLYQFQFQEALCQAAKHEGPLHKCDISNSTEAGQKLFNMLRLGKSEPWTLALENVVGAKN
MNVRPLLNYFEPLFTWLKDQNKNSFVGWSTDWSPYA
;
A
2 'polypeptide(L)'
;TNLCPFDEVFNATRFASVYAWNRKRISNCVADYSVLYNLAPFFTFKCYGVSPTKLNDLCFTNVYADSFVIRGDEVRQIAP
GQTGNIADYNYKLPDDFTGCVIAWNSNKLDSKVSGNYNYLYRLFRKSNLKPFERDISTEIYQAGNKPCNGVAGFNCYFPL
RSYSFRPTYGVGHQPYRVVVLSFELLHAPATVCGP
;
B
#
# COMPACT_ATOMS: atom_id res chain seq x y z
N SER A 1 25.96 -26.49 9.24
CA SER A 1 24.98 -26.62 8.16
C SER A 1 25.17 -25.53 7.13
N THR A 2 24.33 -25.54 6.10
CA THR A 2 24.42 -24.54 5.03
C THR A 2 23.93 -23.19 5.55
N ILE A 3 24.54 -22.11 5.04
CA ILE A 3 24.22 -20.77 5.52
C ILE A 3 22.76 -20.42 5.26
N GLU A 4 22.22 -20.84 4.11
CA GLU A 4 20.81 -20.57 3.83
C GLU A 4 19.90 -21.26 4.86
N GLU A 5 20.27 -22.45 5.31
CA GLU A 5 19.53 -23.12 6.37
C GLU A 5 19.65 -22.39 7.71
N GLN A 6 20.78 -21.72 7.92
CA GLN A 6 21.02 -20.94 9.17
C GLN A 6 20.23 -19.63 9.10
N ALA A 7 19.89 -19.18 7.88
CA ALA A 7 19.14 -17.94 7.69
C ALA A 7 17.65 -18.14 7.61
N LYS A 8 17.19 -19.32 7.20
CA LYS A 8 15.75 -19.59 7.09
C LYS A 8 15.07 -19.46 8.45
N THR A 9 15.65 -20.07 9.48
CA THR A 9 15.06 -20.01 10.81
C THR A 9 15.08 -18.58 11.36
N PHE A 10 16.16 -17.84 11.08
CA PHE A 10 16.22 -16.44 11.49
C PHE A 10 15.11 -15.63 10.84
N LEU A 11 14.88 -15.87 9.54
CA LEU A 11 13.79 -15.18 8.86
C LEU A 11 12.43 -15.56 9.45
N ASP A 12 12.25 -16.83 9.80
CA ASP A 12 10.98 -17.25 10.41
C ASP A 12 10.74 -16.54 11.74
N LYS A 13 11.76 -16.50 12.59
CA LYS A 13 11.63 -15.80 13.87
C LYS A 13 11.35 -14.32 13.66
N PHE A 14 12.08 -13.69 12.72
CA PHE A 14 11.86 -12.28 12.45
C PHE A 14 10.42 -12.03 11.98
N ASN A 15 9.90 -12.90 11.12
CA ASN A 15 8.52 -12.75 10.67
C ASN A 15 7.56 -12.84 11.84
N HIS A 16 7.71 -13.89 12.67
CA HIS A 16 6.74 -14.14 13.72
C HIS A 16 6.78 -13.07 14.81
N GLU A 17 7.90 -12.36 14.93
CA GLU A 17 8.05 -11.29 15.96
C GLU A 17 7.64 -9.93 15.38
N ALA A 18 8.01 -9.65 14.13
CA ALA A 18 7.70 -8.40 13.47
C ALA A 18 6.23 -8.28 13.15
N GLU A 19 5.53 -9.38 12.89
CA GLU A 19 4.09 -9.31 12.66
C GLU A 19 3.39 -8.70 13.87
N ASP A 20 3.65 -9.23 15.06
CA ASP A 20 3.01 -8.73 16.27
C ASP A 20 3.42 -7.30 16.57
N LEU A 21 4.72 -6.98 16.45
CA LEU A 21 5.15 -5.63 16.77
C LEU A 21 4.58 -4.61 15.79
N PHE A 22 4.54 -4.95 14.50
CA PHE A 22 3.94 -4.06 13.51
C PHE A 22 2.46 -3.87 13.76
N TYR A 23 1.80 -4.95 14.21
CA TYR A 23 0.35 -4.88 14.52
C TYR A 23 0.14 -3.89 15.67
N GLN A 24 0.98 -3.99 16.70
CA GLN A 24 0.90 -3.11 17.89
C GLN A 24 1.11 -1.65 17.46
N SER A 25 2.14 -1.38 16.67
CA SER A 25 2.42 -0.01 16.23
C SER A 25 1.28 0.55 15.39
N SER A 26 0.78 -0.26 14.44
CA SER A 26 -0.29 0.20 13.56
C SER A 26 -1.57 0.47 14.34
N LEU A 27 -1.84 -0.39 15.32
CA LEU A 27 -3.06 -0.24 16.17
C LEU A 27 -2.94 1.07 16.95
N ALA A 28 -1.76 1.35 17.53
CA ALA A 28 -1.56 2.58 18.27
C ALA A 28 -1.74 3.80 17.38
N SER A 29 -1.17 3.75 16.18
CA SER A 29 -1.33 4.88 15.25
C SER A 29 -2.79 5.07 14.84
N TRP A 30 -3.50 3.97 14.61
CA TRP A 30 -4.93 4.07 14.27
C TRP A 30 -5.73 4.66 15.41
N ASN A 31 -5.42 4.25 16.65
CA ASN A 31 -6.12 4.80 17.81
C ASN A 31 -5.86 6.29 17.94
N TYR A 32 -4.62 6.73 17.67
CA TYR A 32 -4.35 8.16 17.64
C TYR A 32 -5.16 8.85 16.55
N ASN A 33 -5.22 8.24 15.36
CA ASN A 33 -5.88 8.88 14.23
C ASN A 33 -7.38 9.04 14.46
N THR A 34 -8.02 8.04 15.07
CA THR A 34 -9.44 8.11 15.33
C THR A 34 -9.79 8.76 16.66
N ASN A 35 -8.80 9.08 17.50
CA ASN A 35 -9.06 9.66 18.81
C ASN A 35 -7.81 10.40 19.25
N ILE A 36 -7.86 11.73 19.25
CA ILE A 36 -6.70 12.55 19.55
C ILE A 36 -6.74 12.87 21.04
N THR A 37 -5.92 12.16 21.81
CA THR A 37 -5.74 12.43 23.24
C THR A 37 -4.26 12.29 23.57
N GLU A 38 -3.87 12.89 24.70
CA GLU A 38 -2.46 12.86 25.10
C GLU A 38 -1.99 11.43 25.37
N GLU A 39 -2.81 10.63 26.05
CA GLU A 39 -2.42 9.25 26.34
C GLU A 39 -2.27 8.45 25.05
N ASN A 40 -3.11 8.73 24.05
CA ASN A 40 -2.96 8.07 22.76
C ASN A 40 -1.64 8.42 22.11
N VAL A 41 -1.22 9.68 22.20
CA VAL A 41 0.05 10.10 21.63
C VAL A 41 1.22 9.41 22.33
N GLN A 42 1.16 9.35 23.67
CA GLN A 42 2.21 8.66 24.41
C GLN A 42 2.29 7.18 24.05
N ASN A 43 1.13 6.53 23.96
CA ASN A 43 1.10 5.11 23.62
C ASN A 43 1.65 4.87 22.21
N MET A 44 1.25 5.72 21.25
CA MET A 44 1.73 5.54 19.89
C MET A 44 3.23 5.79 19.79
N ASN A 45 3.75 6.78 20.53
CA ASN A 45 5.18 7.01 20.52
C ASN A 45 5.93 5.83 21.13
N ASN A 46 5.41 5.27 22.23
CA ASN A 46 6.06 4.12 22.85
C ASN A 46 6.08 2.92 21.90
N ALA A 47 4.94 2.64 21.26
CA ALA A 47 4.86 1.51 20.35
C ALA A 47 5.78 1.69 19.15
N GLY A 48 5.79 2.89 18.57
CA GLY A 48 6.66 3.14 17.44
C GLY A 48 8.13 3.03 17.79
N ASP A 49 8.52 3.57 18.95
CA ASP A 49 9.91 3.47 19.38
C ASP A 49 10.31 2.02 19.64
N LYS A 50 9.41 1.23 20.25
CA LYS A 50 9.71 -0.19 20.46
C LYS A 50 9.90 -0.91 19.13
N TRP A 51 9.01 -0.66 18.17
CA TRP A 51 9.12 -1.31 16.87
C TRP A 51 10.40 -0.90 16.15
N SER A 52 10.75 0.39 16.19
CA SER A 52 11.95 0.85 15.53
C SER A 52 13.21 0.28 16.18
N ALA A 53 13.25 0.21 17.51
CA ALA A 53 14.40 -0.36 18.18
C ALA A 53 14.55 -1.85 17.85
N PHE A 54 13.43 -2.58 17.83
CA PHE A 54 13.49 -4.00 17.46
C PHE A 54 13.98 -4.16 16.03
N LEU A 55 13.49 -3.32 15.12
CA LEU A 55 13.92 -3.40 13.73
C LEU A 55 15.41 -3.14 13.59
N LYS A 56 15.92 -2.12 14.28
CA LYS A 56 17.34 -1.79 14.19
C LYS A 56 18.20 -2.91 14.78
N GLU A 57 17.80 -3.47 15.92
CA GLU A 57 18.57 -4.56 16.52
C GLU A 57 18.56 -5.78 15.60
N GLN A 58 17.41 -6.10 15.00
CA GLN A 58 17.34 -7.25 14.10
C GLN A 58 18.18 -7.02 12.85
N SER A 59 18.20 -5.80 12.34
CA SER A 59 19.05 -5.50 11.19
C SER A 59 20.53 -5.65 11.53
N THR A 60 20.93 -5.17 12.72
CA THR A 60 22.30 -5.33 13.16
C THR A 60 22.67 -6.80 13.29
N LEU A 61 21.76 -7.62 13.82
CA LEU A 61 22.00 -9.05 13.91
C LEU A 61 22.10 -9.68 12.53
N ALA A 62 21.22 -9.28 11.61
CA ALA A 62 21.18 -9.89 10.29
C ALA A 62 22.38 -9.53 9.44
N GLN A 63 23.00 -8.37 9.71
CA GLN A 63 24.16 -7.95 8.93
C GLN A 63 25.32 -8.95 9.00
N MET A 64 25.22 -9.99 9.82
CA MET A 64 26.29 -10.96 9.99
C MET A 64 26.15 -12.17 9.07
N TYR A 65 25.18 -12.16 8.17
CA TYR A 65 24.98 -13.27 7.24
C TYR A 65 25.64 -12.93 5.91
N PRO A 66 26.65 -13.68 5.47
CA PRO A 66 27.29 -13.39 4.17
C PRO A 66 26.38 -13.66 2.99
N LEU A 67 25.96 -12.60 2.30
CA LEU A 67 25.05 -12.74 1.17
C LEU A 67 25.70 -13.43 -0.03
N GLN A 68 27.03 -13.41 -0.11
CA GLN A 68 27.73 -13.96 -1.26
C GLN A 68 27.66 -15.47 -1.36
N GLU A 69 27.18 -16.16 -0.32
CA GLU A 69 27.09 -17.61 -0.32
C GLU A 69 25.66 -18.12 -0.31
N ILE A 70 24.70 -17.27 -0.68
CA ILE A 70 23.29 -17.61 -0.69
C ILE A 70 22.77 -17.48 -2.12
N GLN A 71 22.06 -18.50 -2.59
CA GLN A 71 21.62 -18.55 -3.98
C GLN A 71 20.11 -18.43 -4.15
N ASN A 72 19.31 -18.79 -3.15
CA ASN A 72 17.86 -18.73 -3.30
C ASN A 72 17.40 -17.28 -3.41
N LEU A 73 16.63 -16.99 -4.45
CA LEU A 73 16.28 -15.60 -4.76
C LEU A 73 15.43 -14.98 -3.66
N THR A 74 14.46 -15.74 -3.14
CA THR A 74 13.58 -15.18 -2.10
C THR A 74 14.37 -14.85 -0.84
N VAL A 75 15.23 -15.77 -0.40
CA VAL A 75 16.03 -15.54 0.79
C VAL A 75 17.00 -14.40 0.56
N LYS A 76 17.60 -14.32 -0.64
CA LYS A 76 18.49 -13.21 -0.95
C LYS A 76 17.76 -11.88 -0.88
N LEU A 77 16.54 -11.81 -1.43
CA LEU A 77 15.77 -10.57 -1.39
C LEU A 77 15.44 -10.18 0.05
N GLN A 78 14.99 -11.16 0.85
CA GLN A 78 14.62 -10.86 2.22
C GLN A 78 15.83 -10.38 3.03
N LEU A 79 16.95 -11.08 2.91
CA LEU A 79 18.13 -10.70 3.66
C LEU A 79 18.73 -9.39 3.16
N GLN A 80 18.62 -9.10 1.86
CA GLN A 80 19.07 -7.82 1.35
C GLN A 80 18.21 -6.69 1.90
N ALA A 81 16.90 -6.91 2.01
CA ALA A 81 16.03 -5.91 2.61
C ALA A 81 16.37 -5.70 4.09
N LEU A 82 16.66 -6.79 4.80
CA LEU A 82 16.90 -6.71 6.24
C LEU A 82 18.32 -6.28 6.59
N GLN A 83 19.25 -6.31 5.65
CA GLN A 83 20.67 -6.08 5.93
C GLN A 83 21.09 -4.62 5.71
N GLN A 84 20.17 -3.73 5.36
CA GLN A 84 20.53 -2.36 5.09
C GLN A 84 21.06 -1.69 6.37
N ASN A 85 22.15 -0.93 6.22
CA ASN A 85 22.70 -0.20 7.35
C ASN A 85 21.89 1.05 7.68
N GLY A 86 21.34 1.71 6.66
CA GLY A 86 20.62 2.94 6.89
C GLY A 86 21.57 4.08 7.22
N SER A 87 21.09 4.99 8.07
CA SER A 87 21.89 6.13 8.50
C SER A 87 22.80 5.81 9.68
N SER A 88 22.77 4.57 10.18
CA SER A 88 23.60 4.21 11.33
C SER A 88 25.08 4.21 10.98
N VAL A 89 25.42 4.06 9.70
CA VAL A 89 26.82 4.08 9.29
C VAL A 89 27.46 5.43 9.56
N LEU A 90 26.65 6.49 9.54
CA LEU A 90 27.16 7.83 9.82
C LEU A 90 27.54 7.96 11.29
N SER A 91 28.47 8.86 11.57
CA SER A 91 28.94 9.06 12.93
C SER A 91 27.82 9.63 13.81
N GLU A 92 27.94 9.39 15.12
CA GLU A 92 26.86 9.74 16.04
C GLU A 92 26.62 11.25 16.06
N ASP A 93 27.69 12.05 16.10
CA ASP A 93 27.51 13.49 16.02
C ASP A 93 26.89 13.91 14.70
N LYS A 94 27.36 13.32 13.60
CA LYS A 94 26.78 13.62 12.29
C LYS A 94 25.33 13.16 12.21
N SER A 95 25.03 11.99 12.80
CA SER A 95 23.64 11.51 12.78
C SER A 95 22.73 12.43 13.56
N LYS A 96 23.17 12.89 14.73
CA LYS A 96 22.37 13.82 15.52
C LYS A 96 22.17 15.14 14.77
N ARG A 97 23.24 15.64 14.13
CA ARG A 97 23.12 16.86 13.35
C ARG A 97 22.14 16.69 12.20
N LEU A 98 22.18 15.53 11.53
CA LEU A 98 21.28 15.27 10.42
C LEU A 98 19.83 15.20 10.90
N ASN A 99 19.58 14.53 12.02
CA ASN A 99 18.22 14.46 12.55
C ASN A 99 17.72 15.85 12.95
N THR A 100 18.57 16.65 13.59
CA THR A 100 18.18 18.02 13.93
C THR A 100 17.89 18.84 12.69
N ILE A 101 18.70 18.68 11.64
CA ILE A 101 18.51 19.42 10.41
C ILE A 101 17.18 19.05 9.77
N LEU A 102 16.87 17.76 9.72
CA LEU A 102 15.62 17.31 9.12
C LEU A 102 14.42 17.83 9.91
N ASN A 103 14.49 17.74 11.24
CA ASN A 103 13.38 18.22 12.06
C ASN A 103 13.20 19.73 11.90
N THR A 104 14.31 20.48 11.88
CA THR A 104 14.21 21.93 11.70
C THR A 104 13.62 22.28 10.34
N MET A 105 14.03 21.58 9.28
CA MET A 105 13.50 21.85 7.96
C MET A 105 12.01 21.58 7.89
N SER A 106 11.58 20.44 8.45
CA SER A 106 10.15 20.13 8.45
C SER A 106 9.36 21.15 9.25
N THR A 107 9.89 21.55 10.42
CA THR A 107 9.19 22.52 11.25
C THR A 107 9.07 23.88 10.55
N ILE A 108 10.15 24.32 9.90
CA ILE A 108 10.11 25.58 9.17
C ILE A 108 9.10 25.52 8.04
N TYR A 109 9.08 24.40 7.31
CA TYR A 109 8.14 24.26 6.20
C TYR A 109 6.70 24.28 6.68
N SER A 110 6.40 23.55 7.75
CA SER A 110 5.02 23.37 8.19
C SER A 110 4.57 24.40 9.23
N THR A 111 5.43 25.34 9.61
CA THR A 111 5.08 26.34 10.62
C THR A 111 5.11 27.76 10.10
N GLY A 112 5.91 28.06 9.08
CA GLY A 112 6.06 29.44 8.64
C GLY A 112 4.77 30.01 8.09
N LYS A 113 4.67 31.33 8.15
CA LYS A 113 3.48 32.05 7.72
C LYS A 113 3.90 33.29 6.94
N VAL A 114 2.95 33.82 6.17
CA VAL A 114 3.20 34.94 5.27
C VAL A 114 2.13 36.00 5.49
N CYS A 115 2.56 37.27 5.52
CA CYS A 115 1.62 38.38 5.60
C CYS A 115 2.27 39.65 5.06
N ASN A 116 1.43 40.51 4.48
CA ASN A 116 1.90 41.76 3.91
C ASN A 116 2.27 42.75 5.01
N PRO A 117 3.07 43.76 4.69
CA PRO A 117 3.44 44.76 5.70
C PRO A 117 2.23 45.52 6.22
N ASP A 118 2.37 46.04 7.44
CA ASP A 118 1.36 46.76 8.21
C ASP A 118 0.26 45.86 8.73
N ASN A 119 0.42 44.54 8.62
CA ASN A 119 -0.50 43.57 9.23
C ASN A 119 0.33 42.48 9.92
N PRO A 120 0.98 42.82 11.03
CA PRO A 120 1.81 41.82 11.72
C PRO A 120 1.01 40.72 12.40
N GLN A 121 -0.30 40.88 12.56
CA GLN A 121 -1.11 39.90 13.28
C GLN A 121 -1.73 38.87 12.33
N GLU A 122 -2.51 39.33 11.36
CA GLU A 122 -3.23 38.44 10.44
C GLU A 122 -2.25 37.94 9.37
N CYS A 123 -1.55 36.87 9.72
CA CYS A 123 -0.61 36.22 8.80
C CYS A 123 -1.11 34.82 8.49
N LEU A 124 -1.16 34.49 7.20
CA LEU A 124 -1.76 33.24 6.75
C LEU A 124 -0.71 32.15 6.65
N LEU A 125 -1.12 30.93 7.00
CA LEU A 125 -0.27 29.76 6.81
C LEU A 125 -0.33 29.32 5.35
N LEU A 126 0.25 28.16 5.05
CA LEU A 126 0.15 27.61 3.71
C LEU A 126 -1.29 27.28 3.37
N GLU A 127 -2.02 26.68 4.32
CA GLU A 127 -3.43 26.38 4.14
C GLU A 127 -4.23 26.89 5.32
N PRO A 128 -5.48 27.33 5.12
CA PRO A 128 -6.13 27.39 3.81
C PRO A 128 -6.07 28.78 3.17
N GLY A 129 -5.00 29.52 3.41
CA GLY A 129 -4.89 30.85 2.84
C GLY A 129 -4.15 30.91 1.53
N LEU A 130 -2.91 30.42 1.51
CA LEU A 130 -2.10 30.50 0.29
C LEU A 130 -2.67 29.61 -0.81
N ASN A 131 -3.09 28.40 -0.46
CA ASN A 131 -3.65 27.50 -1.46
C ASN A 131 -4.93 28.06 -2.08
N GLU A 132 -5.82 28.60 -1.24
CA GLU A 132 -7.05 29.17 -1.75
C GLU A 132 -6.78 30.41 -2.59
N ILE A 133 -5.82 31.24 -2.17
CA ILE A 133 -5.47 32.44 -2.94
C ILE A 133 -4.94 32.03 -4.31
N MET A 134 -4.07 31.02 -4.35
CA MET A 134 -3.51 30.57 -5.62
C MET A 134 -4.58 29.96 -6.52
N ALA A 135 -5.46 29.14 -5.96
CA ALA A 135 -6.42 28.39 -6.76
C ALA A 135 -7.70 29.15 -7.05
N ASN A 136 -7.90 30.32 -6.48
CA ASN A 136 -9.17 31.02 -6.71
C ASN A 136 -8.98 32.43 -7.24
N SER A 137 -7.99 33.17 -6.76
CA SER A 137 -7.84 34.56 -7.15
C SER A 137 -7.36 34.68 -8.59
N LEU A 138 -7.85 35.70 -9.30
CA LEU A 138 -7.46 35.98 -10.67
C LEU A 138 -6.70 37.30 -10.78
N ASP A 139 -6.23 37.85 -9.66
CA ASP A 139 -5.48 39.10 -9.66
C ASP A 139 -4.00 38.81 -9.88
N TYR A 140 -3.42 39.47 -10.88
CA TYR A 140 -2.01 39.26 -11.20
C TYR A 140 -1.11 39.67 -10.04
N ASN A 141 -1.31 40.88 -9.51
CA ASN A 141 -0.44 41.41 -8.48
C ASN A 141 -0.54 40.61 -7.19
N GLU A 142 -1.75 40.22 -6.79
CA GLU A 142 -1.91 39.45 -5.57
C GLU A 142 -1.24 38.08 -5.68
N ARG A 143 -1.40 37.41 -6.82
CA ARG A 143 -0.75 36.13 -7.02
C ARG A 143 0.77 36.27 -7.01
N LEU A 144 1.29 37.29 -7.69
CA LEU A 144 2.73 37.51 -7.69
C LEU A 144 3.25 37.77 -6.29
N TRP A 145 2.54 38.61 -5.52
CA TRP A 145 2.97 38.90 -4.16
C TRP A 145 2.97 37.65 -3.29
N ALA A 146 1.90 36.84 -3.38
CA ALA A 146 1.83 35.63 -2.57
C ALA A 146 2.95 34.66 -2.93
N TRP A 147 3.17 34.46 -4.23
CA TRP A 147 4.22 33.54 -4.68
C TRP A 147 5.59 34.00 -4.19
N GLU A 148 5.94 35.26 -4.44
CA GLU A 148 7.26 35.74 -4.08
C GLU A 148 7.44 35.80 -2.57
N SER A 149 6.38 36.15 -1.82
CA SER A 149 6.50 36.23 -0.38
C SER A 149 6.69 34.84 0.24
N TRP A 150 5.94 33.85 -0.24
CA TRP A 150 6.14 32.49 0.26
C TRP A 150 7.52 31.97 -0.09
N ARG A 151 8.02 32.33 -1.28
CA ARG A 151 9.33 31.84 -1.67
C ARG A 151 10.49 32.63 -1.06
N SER A 152 10.22 33.81 -0.51
CA SER A 152 11.26 34.62 0.10
C SER A 152 11.28 34.54 1.62
N GLU A 153 10.17 34.20 2.26
CA GLU A 153 10.12 34.10 3.70
C GLU A 153 10.39 32.68 4.21
N VAL A 154 10.64 31.72 3.31
CA VAL A 154 10.90 30.34 3.69
C VAL A 154 12.24 29.84 3.17
N GLY A 155 12.57 30.13 1.92
CA GLY A 155 13.80 29.60 1.33
C GLY A 155 15.07 30.04 2.04
N LYS A 156 15.05 31.22 2.65
CA LYS A 156 16.22 31.70 3.38
C LYS A 156 16.53 30.79 4.56
N GLN A 157 15.50 30.30 5.25
CA GLN A 157 15.67 29.37 6.35
C GLN A 157 15.94 27.94 5.88
N LEU A 158 15.89 27.69 4.57
CA LEU A 158 16.10 26.36 4.02
C LEU A 158 17.44 26.18 3.34
N ARG A 159 18.00 27.24 2.75
CA ARG A 159 19.19 27.09 1.90
C ARG A 159 20.40 26.53 2.65
N PRO A 160 20.84 27.09 3.78
CA PRO A 160 22.01 26.49 4.47
C PRO A 160 21.69 25.12 5.05
N LEU A 161 20.48 24.96 5.59
CA LEU A 161 20.04 23.64 6.06
C LEU A 161 20.07 22.64 4.92
N TYR A 162 19.60 23.04 3.74
CA TYR A 162 19.60 22.13 2.61
C TYR A 162 21.02 21.78 2.16
N GLU A 163 21.93 22.76 2.19
CA GLU A 163 23.31 22.46 1.79
C GLU A 163 23.95 21.46 2.75
N GLU A 164 23.78 21.67 4.05
CA GLU A 164 24.33 20.74 5.03
C GLU A 164 23.66 19.37 4.90
N TYR A 165 22.36 19.35 4.63
CA TYR A 165 21.65 18.08 4.44
C TYR A 165 22.20 17.34 3.22
N VAL A 166 22.47 18.07 2.13
CA VAL A 166 23.05 17.44 0.94
C VAL A 166 24.40 16.83 1.27
N VAL A 167 25.26 17.59 1.97
CA VAL A 167 26.58 17.07 2.29
C VAL A 167 26.49 15.82 3.16
N LEU A 168 25.66 15.88 4.20
CA LEU A 168 25.55 14.76 5.13
C LEU A 168 24.96 13.53 4.44
N LYS A 169 23.93 13.71 3.63
CA LYS A 169 23.33 12.57 2.94
C LYS A 169 24.29 11.98 1.91
N ASN A 170 25.05 12.83 1.21
CA ASN A 170 26.01 12.32 0.25
C ASN A 170 27.09 11.50 0.93
N GLU A 171 27.61 11.98 2.07
CA GLU A 171 28.64 11.21 2.75
C GLU A 171 28.07 9.93 3.37
N MET A 172 26.83 9.96 3.83
CA MET A 172 26.18 8.74 4.32
C MET A 172 26.03 7.72 3.20
N ALA A 173 25.59 8.17 2.02
CA ALA A 173 25.43 7.25 0.90
C ALA A 173 26.77 6.70 0.46
N ARG A 174 27.80 7.54 0.41
CA ARG A 174 29.14 7.07 0.04
C ARG A 174 29.67 6.06 1.03
N ALA A 175 29.40 6.26 2.33
CA ALA A 175 29.87 5.31 3.33
C ALA A 175 29.14 3.98 3.26
N ASN A 176 28.03 3.90 2.51
CA ASN A 176 27.24 2.68 2.41
C ASN A 176 27.37 2.02 1.04
N HIS A 177 28.55 2.13 0.41
CA HIS A 177 28.84 1.48 -0.86
C HIS A 177 27.88 1.93 -1.96
N TYR A 178 27.69 3.24 -2.06
CA TYR A 178 26.92 3.85 -3.15
C TYR A 178 27.70 5.04 -3.69
N GLU A 179 27.49 5.33 -4.98
CA GLU A 179 28.16 6.47 -5.60
C GLU A 179 27.71 7.78 -4.98
N ASP A 180 26.40 7.92 -4.76
CA ASP A 180 25.83 9.12 -4.15
C ASP A 180 24.40 8.80 -3.73
N TYR A 181 23.72 9.80 -3.15
CA TYR A 181 22.36 9.58 -2.66
C TYR A 181 21.39 9.34 -3.81
N GLY A 182 21.62 9.98 -4.95
CA GLY A 182 20.79 9.70 -6.12
C GLY A 182 20.84 8.25 -6.53
N ASP A 183 22.03 7.65 -6.47
CA ASP A 183 22.15 6.21 -6.74
C ASP A 183 21.40 5.40 -5.69
N TYR A 184 21.45 5.83 -4.43
CA TYR A 184 20.72 5.15 -3.38
C TYR A 184 19.23 5.15 -3.66
N TRP A 185 18.69 6.27 -4.14
CA TRP A 185 17.27 6.32 -4.48
C TRP A 185 16.97 5.51 -5.73
N ARG A 186 17.84 5.57 -6.74
CA ARG A 186 17.63 4.80 -7.95
C ARG A 186 17.72 3.29 -7.70
N GLY A 187 18.32 2.88 -6.59
CA GLY A 187 18.47 1.47 -6.29
C GLY A 187 17.16 0.71 -6.08
N ASP A 188 16.04 1.44 -6.00
CA ASP A 188 14.75 0.77 -5.84
C ASP A 188 14.37 -0.01 -7.11
N TYR A 189 14.75 0.48 -8.27
CA TYR A 189 14.45 -0.17 -9.54
C TYR A 189 15.52 -1.16 -9.98
N GLU A 190 16.58 -1.30 -9.20
CA GLU A 190 17.68 -2.19 -9.58
C GLU A 190 17.25 -3.65 -9.46
N VAL A 191 17.54 -4.43 -10.50
CA VAL A 191 17.29 -5.87 -10.51
C VAL A 191 18.57 -6.58 -10.89
N ASN A 192 18.94 -7.61 -10.13
CA ASN A 192 20.15 -8.37 -10.38
C ASN A 192 19.93 -9.82 -9.98
N GLY A 193 20.72 -10.70 -10.61
CA GLY A 193 20.71 -12.11 -10.29
C GLY A 193 19.75 -12.96 -11.10
N VAL A 194 18.89 -12.35 -11.90
CA VAL A 194 17.91 -13.07 -12.73
C VAL A 194 18.33 -12.95 -14.18
N ASP A 195 18.40 -14.09 -14.87
CA ASP A 195 18.87 -14.12 -16.24
C ASP A 195 17.76 -13.66 -17.18
N GLY A 196 18.02 -12.63 -17.98
CA GLY A 196 17.08 -12.14 -18.95
C GLY A 196 16.09 -11.12 -18.43
N TYR A 197 16.07 -10.86 -17.12
CA TYR A 197 15.16 -9.90 -16.52
C TYR A 197 15.90 -8.92 -15.63
N ASP A 198 17.12 -8.54 -16.02
CA ASP A 198 17.96 -7.67 -15.22
C ASP A 198 17.70 -6.21 -15.53
N TYR A 199 18.06 -5.35 -14.58
CA TYR A 199 17.89 -3.91 -14.72
C TYR A 199 19.07 -3.22 -14.05
N SER A 200 19.63 -2.23 -14.74
CA SER A 200 20.77 -1.48 -14.22
C SER A 200 20.28 -0.19 -13.57
N ARG A 201 21.00 0.23 -12.53
CA ARG A 201 20.63 1.45 -11.82
C ARG A 201 20.77 2.68 -12.71
N GLY A 202 21.71 2.66 -13.64
CA GLY A 202 21.86 3.76 -14.58
C GLY A 202 20.94 3.71 -15.78
N GLN A 203 20.18 2.62 -15.94
CA GLN A 203 19.23 2.51 -17.04
C GLN A 203 17.97 3.32 -16.80
N LEU A 204 17.66 3.65 -15.55
CA LEU A 204 16.45 4.41 -15.25
C LEU A 204 16.50 5.80 -15.88
N ILE A 205 17.66 6.45 -15.80
CA ILE A 205 17.80 7.78 -16.40
C ILE A 205 17.60 7.71 -17.90
N GLU A 206 18.22 6.71 -18.55
CA GLU A 206 18.10 6.58 -20.00
C GLU A 206 16.65 6.32 -20.40
N ASP A 207 15.96 5.44 -19.68
CA ASP A 207 14.56 5.15 -19.99
C ASP A 207 13.68 6.38 -19.78
N VAL A 208 13.91 7.11 -18.69
CA VAL A 208 13.11 8.31 -18.42
C VAL A 208 13.33 9.34 -19.53
N GLU A 209 14.58 9.55 -19.94
CA GLU A 209 14.85 10.52 -21.00
C GLU A 209 14.21 10.10 -22.31
N HIS A 210 14.30 8.82 -22.66
CA HIS A 210 13.68 8.33 -23.89
C HIS A 210 12.18 8.55 -23.87
N THR A 211 11.54 8.18 -22.75
CA THR A 211 10.09 8.33 -22.64
C THR A 211 9.69 9.80 -22.74
N PHE A 212 10.43 10.70 -22.08
CA PHE A 212 10.07 12.10 -22.16
C PHE A 212 10.26 12.65 -23.57
N GLU A 213 11.33 12.21 -24.25
CA GLU A 213 11.55 12.69 -25.62
C GLU A 213 10.42 12.26 -26.54
N GLU A 214 9.94 11.03 -26.40
CA GLU A 214 8.83 10.60 -27.25
C GLU A 214 7.49 11.17 -26.79
N ILE A 215 7.39 11.60 -25.53
CA ILE A 215 6.17 12.27 -25.05
C ILE A 215 6.08 13.69 -25.60
N LYS A 216 7.23 14.39 -25.68
CA LYS A 216 7.29 15.86 -25.86
C LYS A 216 6.24 16.51 -26.75
N PRO A 217 5.97 16.05 -27.98
CA PRO A 217 5.06 16.81 -28.86
C PRO A 217 3.67 17.05 -28.28
N LEU A 218 3.11 16.05 -27.59
CA LEU A 218 1.80 16.24 -26.97
C LEU A 218 1.83 17.34 -25.93
N TYR A 219 2.89 17.37 -25.11
CA TYR A 219 3.03 18.43 -24.13
C TYR A 219 3.20 19.78 -24.81
N GLU A 220 3.92 19.84 -25.92
CA GLU A 220 4.08 21.10 -26.63
C GLU A 220 2.75 21.62 -27.13
N HIS A 221 1.93 20.75 -27.72
CA HIS A 221 0.61 21.18 -28.19
C HIS A 221 -0.28 21.62 -27.03
N LEU A 222 -0.28 20.85 -25.94
CA LEU A 222 -1.10 21.22 -24.78
C LEU A 222 -0.64 22.55 -24.19
N HIS A 223 0.67 22.77 -24.12
CA HIS A 223 1.20 24.04 -23.61
C HIS A 223 0.82 25.20 -24.51
N ALA A 224 0.83 24.99 -25.83
CA ALA A 224 0.39 26.05 -26.74
C ALA A 224 -1.08 26.38 -26.53
N TYR A 225 -1.92 25.36 -26.37
CA TYR A 225 -3.34 25.58 -26.13
C TYR A 225 -3.57 26.36 -24.83
N VAL A 226 -2.91 25.92 -23.75
CA VAL A 226 -3.05 26.58 -22.45
C VAL A 226 -2.54 28.01 -22.52
N ARG A 227 -1.43 28.23 -23.25
CA ARG A 227 -0.87 29.57 -23.39
C ARG A 227 -1.82 30.48 -24.13
N ALA A 228 -2.46 29.99 -25.20
CA ALA A 228 -3.42 30.81 -25.92
C ALA A 228 -4.60 31.17 -25.02
N LYS A 229 -5.11 30.20 -24.25
CA LYS A 229 -6.23 30.49 -23.37
C LYS A 229 -5.84 31.50 -22.29
N LEU A 230 -4.64 31.36 -21.72
CA LEU A 230 -4.18 32.30 -20.71
C LEU A 230 -3.98 33.69 -21.30
N MET A 231 -3.45 33.76 -22.52
CA MET A 231 -3.29 35.05 -23.18
C MET A 231 -4.65 35.72 -23.37
N ASN A 232 -5.65 34.95 -23.79
CA ASN A 232 -7.00 35.50 -23.86
C ASN A 232 -7.50 35.91 -22.48
N ALA A 233 -7.04 35.23 -21.43
CA ALA A 233 -7.42 35.63 -20.07
C ALA A 233 -6.73 36.91 -19.63
N TYR A 234 -5.42 37.03 -19.90
CA TYR A 234 -4.65 38.22 -19.55
C TYR A 234 -4.26 38.95 -20.82
N PRO A 235 -4.97 40.03 -21.20
CA PRO A 235 -4.74 40.63 -22.52
C PRO A 235 -3.34 41.19 -22.72
N SER A 236 -2.72 41.75 -21.69
CA SER A 236 -1.45 42.45 -21.84
C SER A 236 -0.45 42.03 -20.78
N TYR A 237 -0.35 40.73 -20.52
CA TYR A 237 0.66 40.21 -19.61
C TYR A 237 1.40 38.99 -20.12
N ILE A 238 0.88 38.27 -21.11
CA ILE A 238 1.52 37.08 -21.65
C ILE A 238 1.83 37.32 -23.11
N SER A 239 3.09 37.12 -23.50
CA SER A 239 3.48 37.26 -24.89
C SER A 239 2.92 36.11 -25.72
N PRO A 240 2.58 36.36 -26.99
CA PRO A 240 2.17 35.26 -27.87
C PRO A 240 3.26 34.24 -28.13
N ILE A 241 4.52 34.58 -27.85
CA ILE A 241 5.64 33.68 -28.09
C ILE A 241 6.32 33.22 -26.81
N GLY A 242 6.06 33.88 -25.68
CA GLY A 242 6.79 33.59 -24.46
C GLY A 242 6.32 32.33 -23.76
N CYS A 243 7.01 32.01 -22.68
CA CYS A 243 6.65 30.89 -21.82
C CYS A 243 5.56 31.31 -20.82
N LEU A 244 5.15 30.37 -19.97
CA LEU A 244 4.11 30.65 -18.99
C LEU A 244 4.73 31.07 -17.66
N PRO A 245 4.35 32.21 -17.10
CA PRO A 245 4.85 32.60 -15.79
C PRO A 245 4.46 31.58 -14.71
N ALA A 246 5.35 31.41 -13.73
CA ALA A 246 5.17 30.37 -12.73
C ALA A 246 4.03 30.66 -11.76
N HIS A 247 3.66 31.93 -11.59
CA HIS A 247 2.61 32.32 -10.65
C HIS A 247 1.22 32.30 -11.27
N LEU A 248 1.03 31.54 -12.35
CA LEU A 248 -0.26 31.49 -13.03
C LEU A 248 -0.63 30.06 -13.42
N LEU A 249 -0.19 29.07 -12.64
CA LEU A 249 -0.37 27.66 -12.98
C LEU A 249 -1.23 26.96 -11.94
N GLY A 250 -2.30 27.60 -11.49
CA GLY A 250 -3.24 26.97 -10.60
C GLY A 250 -2.85 26.98 -9.14
N ASP A 251 -1.90 26.13 -8.75
CA ASP A 251 -1.47 26.04 -7.36
C ASP A 251 -0.14 26.76 -7.17
N MET A 252 0.45 26.62 -5.98
CA MET A 252 1.60 27.42 -5.61
C MET A 252 2.80 27.12 -6.50
N TRP A 253 3.09 25.85 -6.76
CA TRP A 253 4.29 25.45 -7.47
C TRP A 253 4.04 25.07 -8.92
N GLY A 254 2.79 25.06 -9.38
CA GLY A 254 2.51 24.65 -10.73
C GLY A 254 2.64 23.17 -10.99
N ARG A 255 2.52 22.34 -9.95
CA ARG A 255 2.62 20.90 -10.14
C ARG A 255 1.48 20.37 -11.00
N PHE A 256 0.26 20.83 -10.74
CA PHE A 256 -0.92 20.39 -11.46
C PHE A 256 -1.56 21.58 -12.19
N TRP A 257 -2.14 21.30 -13.35
CA TRP A 257 -2.87 22.29 -14.13
C TRP A 257 -4.38 22.13 -13.99
N THR A 258 -4.84 21.40 -12.97
CA THR A 258 -6.26 21.10 -12.84
C THR A 258 -7.08 22.37 -12.69
N ASN A 259 -6.63 23.30 -11.84
CA ASN A 259 -7.38 24.51 -11.57
C ASN A 259 -7.51 25.40 -12.80
N LEU A 260 -6.74 25.15 -13.85
CA LEU A 260 -6.87 25.89 -15.10
C LEU A 260 -8.10 25.49 -15.90
N TYR A 261 -8.80 24.41 -15.50
CA TYR A 261 -9.87 23.90 -16.35
C TYR A 261 -10.95 24.95 -16.57
N SER A 262 -11.31 25.70 -15.52
CA SER A 262 -12.35 26.72 -15.66
C SER A 262 -11.99 27.77 -16.71
N LEU A 263 -10.71 27.95 -17.00
CA LEU A 263 -10.27 28.90 -18.02
C LEU A 263 -9.95 28.24 -19.36
N THR A 264 -10.11 26.92 -19.48
CA THR A 264 -9.75 26.21 -20.70
C THR A 264 -10.86 25.24 -21.13
N VAL A 265 -12.11 25.60 -20.89
CA VAL A 265 -13.22 24.73 -21.28
C VAL A 265 -13.38 24.79 -22.79
N PRO A 266 -13.32 23.66 -23.50
CA PRO A 266 -13.48 23.70 -24.97
C PRO A 266 -14.87 24.16 -25.40
N PHE A 267 -15.91 23.51 -24.89
CA PHE A 267 -17.30 23.85 -25.20
C PHE A 267 -17.99 24.18 -23.88
N GLY A 268 -18.11 25.48 -23.58
CA GLY A 268 -18.69 25.92 -22.33
C GLY A 268 -20.19 25.85 -22.25
N GLN A 269 -20.86 25.56 -23.37
CA GLN A 269 -22.32 25.47 -23.38
C GLN A 269 -22.82 24.12 -22.88
N LYS A 270 -21.96 23.12 -22.78
CA LYS A 270 -22.35 21.79 -22.31
C LYS A 270 -21.77 21.54 -20.94
N PRO A 271 -22.60 21.37 -19.90
CA PRO A 271 -22.07 21.19 -18.55
C PRO A 271 -21.32 19.88 -18.40
N ASN A 272 -20.43 19.85 -17.41
CA ASN A 272 -19.65 18.67 -17.10
C ASN A 272 -20.55 17.55 -16.59
N ILE A 273 -19.96 16.38 -16.35
CA ILE A 273 -20.70 15.23 -15.85
C ILE A 273 -20.63 15.30 -14.33
N ASP A 274 -21.59 16.01 -13.74
CA ASP A 274 -21.74 16.10 -12.29
C ASP A 274 -23.01 15.37 -11.91
N VAL A 275 -22.88 14.38 -11.03
CA VAL A 275 -24.00 13.49 -10.72
C VAL A 275 -24.24 13.60 -9.21
N THR A 276 -23.94 14.78 -8.65
CA THR A 276 -24.19 15.00 -7.23
C THR A 276 -25.69 14.98 -6.92
N ASP A 277 -26.50 15.56 -7.80
CA ASP A 277 -27.94 15.61 -7.56
C ASP A 277 -28.56 14.22 -7.49
N ALA A 278 -28.19 13.33 -8.42
CA ALA A 278 -28.70 11.97 -8.37
C ALA A 278 -28.18 11.22 -7.15
N MET A 279 -26.96 11.55 -6.70
CA MET A 279 -26.43 10.95 -5.49
C MET A 279 -27.26 11.35 -4.27
N VAL A 280 -27.60 12.63 -4.15
CA VAL A 280 -28.36 13.10 -3.00
C VAL A 280 -29.80 12.61 -3.05
N ASP A 281 -30.41 12.62 -4.25
CA ASP A 281 -31.86 12.44 -4.35
C ASP A 281 -32.31 11.08 -3.84
N GLN A 282 -31.58 10.02 -4.15
CA GLN A 282 -32.03 8.67 -3.89
C GLN A 282 -31.75 8.19 -2.47
N ALA A 283 -31.50 9.09 -1.52
CA ALA A 283 -31.25 8.76 -0.12
C ALA A 283 -30.07 7.80 0.00
N TRP A 284 -28.91 8.31 -0.38
CA TRP A 284 -27.70 7.53 -0.52
C TRP A 284 -26.68 7.94 0.53
N ASP A 285 -26.17 6.96 1.28
CA ASP A 285 -25.24 7.19 2.37
C ASP A 285 -23.89 6.56 2.04
N ALA A 286 -22.95 6.68 2.99
CA ALA A 286 -21.62 6.13 2.78
C ALA A 286 -21.66 4.62 2.63
N GLN A 287 -22.52 3.96 3.41
CA GLN A 287 -22.61 2.50 3.32
C GLN A 287 -23.04 2.07 1.93
N ARG A 288 -24.01 2.77 1.33
CA ARG A 288 -24.44 2.43 -0.02
C ARG A 288 -23.30 2.63 -1.02
N ILE A 289 -22.52 3.70 -0.87
CA ILE A 289 -21.39 3.95 -1.76
C ILE A 289 -20.41 2.78 -1.69
N PHE A 290 -20.09 2.34 -0.46
CA PHE A 290 -19.11 1.26 -0.33
C PHE A 290 -19.68 -0.07 -0.79
N LYS A 291 -20.99 -0.30 -0.64
CA LYS A 291 -21.56 -1.52 -1.20
C LYS A 291 -21.52 -1.52 -2.72
N GLU A 292 -21.75 -0.36 -3.35
CA GLU A 292 -21.59 -0.29 -4.80
C GLU A 292 -20.15 -0.56 -5.22
N ALA A 293 -19.18 0.01 -4.49
CA ALA A 293 -17.78 -0.26 -4.80
C ALA A 293 -17.47 -1.74 -4.66
N GLU A 294 -17.99 -2.38 -3.60
CA GLU A 294 -17.75 -3.81 -3.41
C GLU A 294 -18.39 -4.63 -4.53
N LYS A 295 -19.58 -4.25 -4.96
CA LYS A 295 -20.22 -4.95 -6.08
C LYS A 295 -19.41 -4.80 -7.36
N PHE A 296 -18.90 -3.59 -7.61
CA PHE A 296 -18.07 -3.36 -8.79
C PHE A 296 -16.80 -4.21 -8.75
N PHE A 297 -16.20 -4.35 -7.58
CA PHE A 297 -15.00 -5.19 -7.48
C PHE A 297 -15.34 -6.68 -7.55
N VAL A 298 -16.53 -7.06 -7.09
CA VAL A 298 -16.95 -8.46 -7.18
C VAL A 298 -17.21 -8.84 -8.63
N SER A 299 -17.73 -7.90 -9.43
CA SER A 299 -18.12 -8.20 -10.80
C SER A 299 -16.95 -8.62 -11.66
N VAL A 300 -15.70 -8.38 -11.24
CA VAL A 300 -14.54 -8.78 -12.01
C VAL A 300 -13.83 -9.99 -11.43
N GLY A 301 -14.37 -10.60 -10.38
CA GLY A 301 -13.83 -11.82 -9.82
C GLY A 301 -13.01 -11.66 -8.55
N LEU A 302 -12.65 -10.44 -8.18
CA LEU A 302 -11.92 -10.23 -6.94
C LEU A 302 -12.83 -10.46 -5.74
N PRO A 303 -12.28 -10.96 -4.63
CA PRO A 303 -13.11 -11.25 -3.46
C PRO A 303 -13.71 -9.99 -2.86
N ASN A 304 -14.59 -10.20 -1.88
CA ASN A 304 -15.32 -9.12 -1.22
C ASN A 304 -14.76 -8.85 0.17
N MET A 305 -15.10 -7.69 0.69
CA MET A 305 -14.62 -7.27 2.01
C MET A 305 -15.24 -8.13 3.11
N THR A 306 -14.45 -8.40 4.14
CA THR A 306 -14.89 -9.25 5.23
C THR A 306 -15.72 -8.46 6.25
N GLN A 307 -16.21 -9.17 7.26
CA GLN A 307 -17.04 -8.54 8.28
C GLN A 307 -16.24 -7.58 9.15
N GLY A 308 -14.97 -7.92 9.42
CA GLY A 308 -14.13 -7.04 10.21
C GLY A 308 -13.97 -5.67 9.59
N PHE A 309 -13.88 -5.61 8.26
CA PHE A 309 -13.78 -4.33 7.57
C PHE A 309 -15.01 -3.47 7.82
N TRP A 310 -16.20 -4.08 7.77
CA TRP A 310 -17.42 -3.32 8.00
C TRP A 310 -17.55 -2.90 9.46
N GLU A 311 -17.11 -3.76 10.39
CA GLU A 311 -17.27 -3.45 11.81
C GLU A 311 -16.30 -2.38 12.27
N ASN A 312 -15.04 -2.48 11.87
CA ASN A 312 -13.98 -1.68 12.49
C ASN A 312 -13.70 -0.37 11.76
N SER A 313 -13.94 -0.31 10.45
CA SER A 313 -13.60 0.88 9.69
C SER A 313 -14.49 2.06 10.07
N MET A 314 -13.98 3.26 9.81
CA MET A 314 -14.69 4.51 10.12
C MET A 314 -14.98 5.21 8.80
N LEU A 315 -16.22 5.06 8.31
CA LEU A 315 -16.62 5.58 7.01
C LEU A 315 -17.39 6.89 7.10
N THR A 316 -17.48 7.50 8.27
CA THR A 316 -18.22 8.73 8.45
C THR A 316 -17.54 9.58 9.51
N ASP A 317 -17.54 10.90 9.31
CA ASP A 317 -16.91 11.80 10.27
C ASP A 317 -17.61 11.69 11.62
N PRO A 318 -16.87 11.42 12.70
CA PRO A 318 -17.52 11.30 14.01
C PRO A 318 -18.22 12.57 14.46
N GLY A 319 -17.69 13.74 14.11
CA GLY A 319 -18.29 14.99 14.57
C GLY A 319 -18.13 15.13 16.06
N ASN A 320 -19.24 15.45 16.73
CA ASN A 320 -19.37 15.66 18.18
C ASN A 320 -18.05 15.90 18.92
N VAL A 321 -17.65 14.96 19.76
CA VAL A 321 -16.47 15.16 20.59
C VAL A 321 -15.20 14.76 19.85
N GLN A 322 -15.22 13.60 19.20
CA GLN A 322 -14.01 13.06 18.58
C GLN A 322 -13.53 13.94 17.44
N LYS A 323 -12.22 14.12 17.38
CA LYS A 323 -11.57 14.83 16.29
C LYS A 323 -10.68 13.85 15.53
N ALA A 324 -10.89 13.75 14.22
CA ALA A 324 -10.16 12.80 13.38
C ALA A 324 -9.72 13.47 12.09
N VAL A 325 -8.64 12.94 11.52
CA VAL A 325 -8.14 13.42 10.24
C VAL A 325 -9.00 12.84 9.13
N CYS A 326 -9.35 13.67 8.14
CA CYS A 326 -10.28 13.28 7.09
C CYS A 326 -9.58 12.89 5.80
N HIS A 327 -8.27 12.73 5.79
CA HIS A 327 -7.58 12.27 4.60
C HIS A 327 -7.84 10.79 4.41
N PRO A 328 -8.45 10.36 3.29
CA PRO A 328 -8.73 8.93 3.10
C PRO A 328 -7.44 8.12 3.07
N THR A 329 -7.50 6.93 3.66
CA THR A 329 -6.33 6.06 3.71
C THR A 329 -6.80 4.63 3.95
N ALA A 330 -6.17 3.68 3.25
CA ALA A 330 -6.45 2.26 3.41
C ALA A 330 -5.41 1.67 4.35
N TRP A 331 -5.84 1.31 5.56
CA TRP A 331 -4.94 0.79 6.58
C TRP A 331 -4.89 -0.73 6.50
N ASP A 332 -3.67 -1.27 6.47
CA ASP A 332 -3.43 -2.71 6.54
C ASP A 332 -2.65 -2.97 7.83
N LEU A 333 -3.35 -3.29 8.91
CA LEU A 333 -2.67 -3.54 10.21
C LEU A 333 -2.00 -4.92 10.19
N GLY A 334 -2.54 -5.83 9.38
CA GLY A 334 -1.98 -7.20 9.29
C GLY A 334 -2.88 -8.19 10.00
N LYS A 335 -2.59 -9.50 9.83
CA LYS A 335 -3.38 -10.59 10.46
C LYS A 335 -4.86 -10.47 10.08
N GLY A 336 -5.15 -10.17 8.82
CA GLY A 336 -6.54 -10.04 8.32
C GLY A 336 -7.23 -8.78 8.81
N ASP A 337 -6.47 -7.77 9.25
CA ASP A 337 -7.09 -6.52 9.76
C ASP A 337 -6.91 -5.39 8.72
N PHE A 338 -7.95 -5.15 7.93
CA PHE A 338 -8.00 -4.12 6.90
C PHE A 338 -9.06 -3.11 7.26
N ARG A 339 -8.76 -1.83 7.03
CA ARG A 339 -9.68 -0.75 7.37
C ARG A 339 -9.56 0.35 6.34
N ILE A 340 -10.58 1.19 6.28
CA ILE A 340 -10.55 2.40 5.44
C ILE A 340 -10.97 3.59 6.29
N LEU A 341 -10.13 4.62 6.34
CA LEU A 341 -10.43 5.82 7.12
C LEU A 341 -10.70 6.97 6.16
N MET A 342 -11.91 7.51 6.21
CA MET A 342 -12.29 8.61 5.34
C MET A 342 -13.54 9.29 5.90
N CYS A 343 -13.64 10.59 5.65
CA CYS A 343 -14.82 11.37 6.00
C CYS A 343 -15.69 11.47 4.75
N THR A 344 -16.57 10.48 4.58
CA THR A 344 -17.37 10.39 3.37
C THR A 344 -18.37 11.54 3.29
N LYS A 345 -18.56 12.06 2.09
CA LYS A 345 -19.57 13.05 1.78
C LYS A 345 -20.27 12.66 0.50
N VAL A 346 -21.48 13.18 0.30
CA VAL A 346 -22.25 12.83 -0.88
C VAL A 346 -21.75 13.66 -2.05
N THR A 347 -20.78 13.13 -2.78
CA THR A 347 -20.18 13.79 -3.94
C THR A 347 -19.58 12.73 -4.84
N MET A 348 -19.55 13.03 -6.15
CA MET A 348 -18.95 12.09 -7.10
C MET A 348 -17.47 11.90 -6.83
N ASP A 349 -16.77 12.93 -6.34
CA ASP A 349 -15.36 12.79 -6.03
C ASP A 349 -15.14 11.75 -4.93
N ASP A 350 -15.99 11.77 -3.90
CA ASP A 350 -15.94 10.73 -2.88
C ASP A 350 -16.30 9.38 -3.45
N PHE A 351 -17.21 9.34 -4.42
CA PHE A 351 -17.55 8.09 -5.08
C PHE A 351 -16.34 7.48 -5.78
N LEU A 352 -15.53 8.32 -6.44
CA LEU A 352 -14.35 7.80 -7.13
C LEU A 352 -13.24 7.43 -6.15
N THR A 353 -13.03 8.26 -5.11
CA THR A 353 -11.98 7.95 -4.16
C THR A 353 -12.30 6.72 -3.32
N ALA A 354 -13.59 6.39 -3.17
CA ALA A 354 -13.95 5.13 -2.53
C ALA A 354 -13.45 3.94 -3.34
N HIS A 355 -13.62 4.00 -4.67
CA HIS A 355 -13.08 2.95 -5.53
C HIS A 355 -11.56 2.91 -5.47
N HIS A 356 -10.93 4.08 -5.41
CA HIS A 356 -9.47 4.13 -5.29
C HIS A 356 -9.00 3.40 -4.02
N GLU A 357 -9.58 3.77 -2.87
CA GLU A 357 -9.16 3.15 -1.61
C GLU A 357 -9.52 1.67 -1.55
N MET A 358 -10.65 1.28 -2.15
CA MET A 358 -11.00 -0.13 -2.18
C MET A 358 -10.04 -0.92 -3.06
N GLY A 359 -9.56 -0.32 -4.16
CA GLY A 359 -8.51 -0.96 -4.93
C GLY A 359 -7.22 -1.12 -4.15
N HIS A 360 -6.87 -0.09 -3.36
CA HIS A 360 -5.74 -0.22 -2.46
C HIS A 360 -5.92 -1.39 -1.49
N ILE A 361 -7.11 -1.51 -0.92
CA ILE A 361 -7.40 -2.58 0.03
C ILE A 361 -7.33 -3.94 -0.65
N GLN A 362 -7.86 -4.04 -1.87
CA GLN A 362 -7.82 -5.30 -2.60
C GLN A 362 -6.38 -5.71 -2.92
N TYR A 363 -5.53 -4.73 -3.29
CA TYR A 363 -4.16 -5.07 -3.61
C TYR A 363 -3.40 -5.48 -2.34
N ASP A 364 -3.68 -4.80 -1.22
CA ASP A 364 -3.10 -5.24 0.05
C ASP A 364 -3.55 -6.64 0.43
N MET A 365 -4.82 -6.95 0.19
CA MET A 365 -5.36 -8.28 0.47
C MET A 365 -4.80 -9.34 -0.45
N ALA A 366 -4.34 -8.96 -1.64
CA ALA A 366 -3.90 -9.95 -2.63
C ALA A 366 -2.66 -10.69 -2.17
N TYR A 367 -1.66 -9.97 -1.66
CA TYR A 367 -0.38 -10.58 -1.31
C TYR A 367 -0.23 -10.85 0.19
N ALA A 368 -1.34 -11.13 0.87
CA ALA A 368 -1.28 -11.40 2.31
C ALA A 368 -0.64 -12.73 2.63
N ALA A 369 -0.41 -13.59 1.64
CA ALA A 369 0.24 -14.88 1.86
C ALA A 369 1.76 -14.81 1.75
N GLN A 370 2.31 -13.69 1.30
CA GLN A 370 3.75 -13.54 1.17
C GLN A 370 4.40 -13.36 2.54
N PRO A 371 5.69 -13.67 2.66
CA PRO A 371 6.40 -13.39 3.91
C PRO A 371 6.39 -11.91 4.23
N PHE A 372 6.73 -11.60 5.49
CA PHE A 372 6.56 -10.23 5.99
C PHE A 372 7.38 -9.21 5.21
N LEU A 373 8.58 -9.60 4.76
CA LEU A 373 9.46 -8.66 4.08
C LEU A 373 9.07 -8.43 2.62
N LEU A 374 8.18 -9.25 2.05
CA LEU A 374 7.78 -9.13 0.66
C LEU A 374 6.33 -8.68 0.49
N ARG A 375 5.75 -8.08 1.53
CA ARG A 375 4.34 -7.68 1.49
C ARG A 375 4.19 -6.24 1.02
N ASN A 376 4.67 -5.98 -0.19
CA ASN A 376 4.56 -4.65 -0.78
C ASN A 376 4.65 -4.79 -2.28
N GLY A 377 4.26 -3.73 -2.99
CA GLY A 377 4.26 -3.74 -4.43
C GLY A 377 5.64 -3.97 -5.01
N ALA A 378 5.67 -4.30 -6.31
CA ALA A 378 6.93 -4.66 -6.96
C ALA A 378 7.93 -3.51 -6.92
N ASN A 379 7.46 -2.29 -7.17
CA ASN A 379 8.27 -1.10 -6.99
C ASN A 379 7.37 0.03 -6.52
N GLU A 380 7.93 1.23 -6.39
CA GLU A 380 7.22 2.35 -5.78
C GLU A 380 6.20 3.00 -6.71
N GLY A 381 5.84 2.36 -7.82
CA GLY A 381 4.87 2.95 -8.72
C GLY A 381 3.67 2.06 -9.00
N PHE A 382 3.79 0.77 -8.70
CA PHE A 382 2.72 -0.18 -9.01
C PHE A 382 1.47 0.09 -8.18
N HIS A 383 1.64 0.42 -6.90
CA HIS A 383 0.54 0.35 -5.96
C HIS A 383 -0.49 1.44 -6.26
N GLU A 384 -0.02 2.68 -6.43
CA GLU A 384 -0.93 3.76 -6.80
C GLU A 384 -1.47 3.61 -8.22
N ALA A 385 -0.72 2.95 -9.12
CA ALA A 385 -1.27 2.68 -10.45
C ALA A 385 -2.46 1.73 -10.38
N VAL A 386 -2.35 0.68 -9.57
CA VAL A 386 -3.48 -0.21 -9.34
C VAL A 386 -4.62 0.54 -8.67
N GLY A 387 -4.29 1.50 -7.81
CA GLY A 387 -5.35 2.33 -7.24
C GLY A 387 -6.08 3.15 -8.29
N GLU A 388 -5.35 3.76 -9.22
CA GLU A 388 -5.94 4.68 -10.19
C GLU A 388 -6.68 3.96 -11.32
N ILE A 389 -6.26 2.74 -11.66
CA ILE A 389 -6.94 2.02 -12.74
C ILE A 389 -8.39 1.74 -12.37
N MET A 390 -8.68 1.48 -11.09
CA MET A 390 -10.06 1.26 -10.67
C MET A 390 -10.91 2.49 -10.90
N SER A 391 -10.39 3.68 -10.56
CA SER A 391 -11.12 4.91 -10.79
C SER A 391 -11.34 5.15 -12.28
N LEU A 392 -10.32 4.87 -13.10
CA LEU A 392 -10.50 5.01 -14.54
C LEU A 392 -11.59 4.09 -15.07
N SER A 393 -11.62 2.84 -14.58
CA SER A 393 -12.66 1.91 -15.01
C SER A 393 -14.03 2.35 -14.56
N ALA A 394 -14.14 2.88 -13.34
CA ALA A 394 -15.44 3.22 -12.77
C ALA A 394 -15.96 4.59 -13.18
N ALA A 395 -15.14 5.44 -13.79
CA ALA A 395 -15.57 6.79 -14.14
C ALA A 395 -16.29 6.87 -15.48
N THR A 396 -16.35 5.79 -16.25
CA THR A 396 -16.94 5.83 -17.57
C THR A 396 -18.46 5.98 -17.48
N PRO A 397 -19.09 6.65 -18.46
CA PRO A 397 -20.55 6.75 -18.45
C PRO A 397 -21.25 5.41 -18.54
N LYS A 398 -20.62 4.41 -19.15
CA LYS A 398 -21.23 3.08 -19.24
C LYS A 398 -21.45 2.50 -17.85
N HIS A 399 -20.46 2.63 -16.96
CA HIS A 399 -20.62 2.11 -15.61
C HIS A 399 -21.69 2.87 -14.84
N LEU A 400 -21.73 4.20 -14.99
CA LEU A 400 -22.74 4.98 -14.29
C LEU A 400 -24.15 4.68 -14.80
N LYS A 401 -24.27 4.27 -16.07
CA LYS A 401 -25.55 3.77 -16.56
C LYS A 401 -25.81 2.34 -16.09
N SER A 402 -24.77 1.58 -15.77
CA SER A 402 -24.94 0.21 -15.29
C SER A 402 -25.37 0.13 -13.83
N ILE A 403 -25.38 1.25 -13.11
CA ILE A 403 -25.81 1.28 -11.72
C ILE A 403 -27.12 2.02 -11.56
N GLY A 404 -27.79 2.38 -12.65
CA GLY A 404 -29.05 3.08 -12.57
C GLY A 404 -28.95 4.44 -11.93
N LEU A 405 -27.93 5.22 -12.30
CA LEU A 405 -27.69 6.52 -11.68
C LEU A 405 -27.91 7.69 -12.63
N LEU A 406 -27.88 7.47 -13.93
CA LEU A 406 -28.12 8.50 -14.93
C LEU A 406 -29.31 8.12 -15.79
N SER A 407 -29.99 9.13 -16.33
CA SER A 407 -31.13 8.89 -17.19
C SER A 407 -30.68 8.21 -18.49
N PRO A 408 -31.39 7.18 -18.94
CA PRO A 408 -30.98 6.51 -20.20
C PRO A 408 -31.04 7.43 -21.41
N ASP A 409 -31.79 8.52 -21.36
CA ASP A 409 -31.84 9.46 -22.47
C ASP A 409 -30.51 10.15 -22.70
N PHE A 410 -29.62 10.15 -21.72
CA PHE A 410 -28.32 10.80 -21.86
C PHE A 410 -27.47 10.05 -22.88
N GLN A 411 -27.15 10.72 -23.98
CA GLN A 411 -26.33 10.14 -25.03
C GLN A 411 -25.03 10.93 -25.14
N GLU A 412 -23.91 10.23 -25.16
CA GLU A 412 -22.60 10.87 -25.19
C GLU A 412 -22.30 11.37 -26.60
N ASP A 413 -21.82 12.60 -26.69
CA ASP A 413 -21.40 13.20 -27.95
C ASP A 413 -19.92 13.54 -27.89
N ASN A 414 -19.39 13.97 -29.03
CA ASN A 414 -17.95 14.24 -29.12
C ASN A 414 -17.53 15.40 -28.23
N GLU A 415 -18.41 16.36 -27.98
CA GLU A 415 -18.06 17.51 -27.16
C GLU A 415 -17.76 17.10 -25.73
N THR A 416 -18.60 16.25 -25.15
CA THR A 416 -18.36 15.79 -23.78
C THR A 416 -17.09 14.96 -23.69
N GLU A 417 -16.81 14.14 -24.72
CA GLU A 417 -15.58 13.37 -24.72
C GLU A 417 -14.36 14.27 -24.79
N ILE A 418 -14.41 15.32 -25.63
CA ILE A 418 -13.29 16.26 -25.70
C ILE A 418 -13.10 16.94 -24.34
N ASN A 419 -14.19 17.35 -23.70
CA ASN A 419 -14.07 17.98 -22.39
C ASN A 419 -13.45 17.04 -21.36
N PHE A 420 -13.89 15.78 -21.36
CA PHE A 420 -13.36 14.81 -20.40
C PHE A 420 -11.88 14.54 -20.64
N LEU A 421 -11.48 14.37 -21.91
CA LEU A 421 -10.08 14.13 -22.20
C LEU A 421 -9.21 15.34 -21.87
N LEU A 422 -9.70 16.56 -22.12
CA LEU A 422 -8.92 17.73 -21.73
C LEU A 422 -8.79 17.82 -20.22
N LYS A 423 -9.86 17.52 -19.48
CA LYS A 423 -9.79 17.53 -18.02
C LYS A 423 -8.79 16.50 -17.51
N GLN A 424 -8.76 15.31 -18.14
CA GLN A 424 -7.80 14.30 -17.74
C GLN A 424 -6.37 14.71 -18.08
N ALA A 425 -6.19 15.37 -19.23
CA ALA A 425 -4.84 15.76 -19.65
C ALA A 425 -4.31 16.94 -18.84
N LEU A 426 -5.18 17.78 -18.31
CA LEU A 426 -4.73 18.87 -17.46
C LEU A 426 -4.16 18.40 -16.14
N THR A 427 -4.33 17.12 -15.80
CA THR A 427 -3.74 16.52 -14.62
C THR A 427 -2.66 15.50 -14.95
N ILE A 428 -2.85 14.72 -16.01
CA ILE A 428 -1.89 13.66 -16.34
C ILE A 428 -0.71 14.22 -17.11
N VAL A 429 -0.97 14.89 -18.23
CA VAL A 429 0.11 15.42 -19.05
C VAL A 429 0.83 16.57 -18.36
N GLY A 430 0.09 17.40 -17.63
CA GLY A 430 0.63 18.63 -17.08
C GLY A 430 1.57 18.46 -15.91
N THR A 431 1.83 17.22 -15.46
CA THR A 431 2.71 16.99 -14.33
C THR A 431 3.96 16.19 -14.66
N LEU A 432 3.99 15.49 -15.80
CA LEU A 432 5.17 14.70 -16.16
C LEU A 432 6.41 15.57 -16.38
N PRO A 433 6.36 16.66 -17.15
CA PRO A 433 7.56 17.50 -17.27
C PRO A 433 8.03 18.04 -15.93
N PHE A 434 7.11 18.43 -15.05
CA PHE A 434 7.51 18.95 -13.75
C PHE A 434 8.22 17.89 -12.92
N THR A 435 7.64 16.68 -12.88
CA THR A 435 8.24 15.60 -12.10
C THR A 435 9.62 15.25 -12.63
N TYR A 436 9.74 15.10 -13.96
CA TYR A 436 11.03 14.76 -14.56
C TYR A 436 12.06 15.85 -14.31
N MET A 437 11.65 17.12 -14.45
CA MET A 437 12.57 18.23 -14.26
C MET A 437 13.08 18.28 -12.83
N LEU A 438 12.19 18.18 -11.85
CA LEU A 438 12.63 18.28 -10.46
C LEU A 438 13.52 17.10 -10.09
N GLU A 439 13.16 15.89 -10.54
CA GLU A 439 14.01 14.75 -10.24
C GLU A 439 15.38 14.88 -10.90
N LYS A 440 15.43 15.38 -12.13
CA LYS A 440 16.71 15.58 -12.80
C LYS A 440 17.57 16.59 -12.05
N TRP A 441 16.97 17.70 -11.64
CA TRP A 441 17.73 18.72 -10.90
C TRP A 441 18.29 18.15 -9.62
N ARG A 442 17.46 17.44 -8.86
CA ARG A 442 17.93 16.88 -7.59
C ARG A 442 19.02 15.82 -7.82
N TRP A 443 18.83 14.98 -8.84
CA TRP A 443 19.83 13.95 -9.15
C TRP A 443 21.18 14.57 -9.47
N MET A 444 21.20 15.56 -10.35
CA MET A 444 22.47 16.15 -10.76
C MET A 444 23.05 17.08 -9.69
N VAL A 445 22.23 17.60 -8.77
CA VAL A 445 22.78 18.33 -7.63
C VAL A 445 23.47 17.37 -6.68
N PHE A 446 22.86 16.21 -6.41
CA PHE A 446 23.53 15.21 -5.58
C PHE A 446 24.80 14.71 -6.24
N LYS A 447 24.77 14.50 -7.56
CA LYS A 447 25.94 14.00 -8.26
C LYS A 447 27.11 14.97 -8.21
N GLY A 448 26.83 16.26 -8.08
CA GLY A 448 27.86 17.27 -8.08
C GLY A 448 28.08 17.99 -9.38
N GLU A 449 27.22 17.78 -10.38
CA GLU A 449 27.36 18.49 -11.65
C GLU A 449 27.15 19.99 -11.49
N ILE A 450 26.30 20.40 -10.55
CA ILE A 450 25.98 21.81 -10.33
C ILE A 450 26.76 22.28 -9.10
N PRO A 451 27.68 23.22 -9.24
CA PRO A 451 28.30 23.83 -8.05
C PRO A 451 27.27 24.63 -7.27
N LYS A 452 27.52 24.76 -5.97
CA LYS A 452 26.55 25.40 -5.08
C LYS A 452 26.24 26.82 -5.54
N ASP A 453 27.27 27.60 -5.85
CA ASP A 453 27.10 29.01 -6.21
C ASP A 453 26.33 29.20 -7.50
N GLN A 454 25.90 28.09 -8.12
CA GLN A 454 25.14 28.16 -9.36
C GLN A 454 23.81 27.42 -9.28
N TRP A 455 23.45 26.89 -8.11
CA TRP A 455 22.28 26.01 -7.99
C TRP A 455 21.04 26.63 -8.63
N MET A 456 20.58 27.75 -8.09
CA MET A 456 19.39 28.41 -8.63
C MET A 456 19.55 28.69 -10.11
N LYS A 457 20.74 29.11 -10.53
CA LYS A 457 20.94 29.47 -11.93
C LYS A 457 20.63 28.29 -12.83
N LYS A 458 20.97 27.08 -12.40
CA LYS A 458 20.61 25.90 -13.19
C LYS A 458 19.14 25.56 -13.02
N TRP A 459 18.60 25.71 -11.82
CA TRP A 459 17.24 25.28 -11.55
C TRP A 459 16.23 26.00 -12.43
N TRP A 460 16.40 27.30 -12.62
CA TRP A 460 15.47 28.03 -13.45
C TRP A 460 15.80 27.92 -14.93
N GLU A 461 16.97 27.35 -15.28
CA GLU A 461 17.27 27.13 -16.70
C GLU A 461 16.36 26.07 -17.28
N MET A 462 16.20 24.94 -16.57
CA MET A 462 15.32 23.88 -17.04
C MET A 462 13.87 24.34 -17.12
N LYS A 463 13.45 25.22 -16.20
CA LYS A 463 12.12 25.80 -16.29
C LYS A 463 11.90 26.50 -17.62
N ARG A 464 12.96 27.06 -18.20
CA ARG A 464 12.84 27.68 -19.52
C ARG A 464 12.99 26.65 -20.62
N GLU A 465 13.71 25.55 -20.35
CA GLU A 465 14.05 24.58 -21.37
C GLU A 465 13.04 23.44 -21.44
N ILE A 466 12.75 22.80 -20.31
CA ILE A 466 11.91 21.60 -20.29
C ILE A 466 10.45 21.97 -20.06
N VAL A 467 10.16 22.55 -18.89
CA VAL A 467 8.78 22.82 -18.52
C VAL A 467 8.21 23.99 -19.30
N GLY A 468 9.07 24.90 -19.77
CA GLY A 468 8.59 26.08 -20.46
C GLY A 468 7.88 27.05 -19.54
N VAL A 469 8.48 27.32 -18.38
CA VAL A 469 7.90 28.21 -17.37
C VAL A 469 8.93 29.29 -17.04
N VAL A 470 8.49 30.55 -17.06
CA VAL A 470 9.38 31.68 -16.84
C VAL A 470 9.13 32.25 -15.45
N GLU A 471 10.11 33.00 -14.95
CA GLU A 471 10.18 33.69 -13.66
C GLU A 471 9.55 35.08 -13.75
N PRO A 472 8.63 35.41 -12.84
CA PRO A 472 8.02 36.74 -12.87
C PRO A 472 8.91 37.80 -12.26
N VAL A 473 9.72 37.41 -11.29
CA VAL A 473 10.63 38.33 -10.59
C VAL A 473 12.03 37.74 -10.61
N PRO A 474 13.05 38.51 -10.98
CA PRO A 474 14.41 37.96 -11.00
C PRO A 474 14.85 37.50 -9.61
N HIS A 475 15.61 36.42 -9.57
CA HIS A 475 16.02 35.78 -8.33
C HIS A 475 17.54 35.78 -8.23
N ASP A 476 18.04 36.05 -7.02
CA ASP A 476 19.46 35.98 -6.74
C ASP A 476 19.82 34.58 -6.24
N GLU A 477 21.11 34.34 -6.04
CA GLU A 477 21.58 33.03 -5.62
C GLU A 477 21.16 32.66 -4.20
N THR A 478 20.88 33.66 -3.35
CA THR A 478 20.55 33.37 -1.96
C THR A 478 19.21 32.66 -1.81
N TYR A 479 18.35 32.72 -2.81
CA TYR A 479 17.05 32.05 -2.71
C TYR A 479 17.22 30.54 -2.79
N CYS A 480 16.22 29.84 -2.28
CA CYS A 480 16.18 28.37 -2.30
C CYS A 480 14.79 27.90 -2.71
N ASP A 481 14.29 28.45 -3.81
CA ASP A 481 12.93 28.15 -4.26
C ASP A 481 12.61 26.66 -4.37
N PRO A 482 13.46 25.80 -4.96
CA PRO A 482 13.08 24.38 -5.05
C PRO A 482 12.81 23.74 -3.71
N ALA A 483 13.48 24.18 -2.65
CA ALA A 483 13.26 23.60 -1.33
C ALA A 483 11.92 23.96 -0.73
N SER A 484 11.18 24.90 -1.32
CA SER A 484 9.89 25.28 -0.77
C SER A 484 8.83 24.20 -0.94
N LEU A 485 9.07 23.19 -1.77
CA LEU A 485 8.07 22.16 -2.04
C LEU A 485 8.06 21.14 -0.90
N PHE A 486 6.95 20.42 -0.79
CA PHE A 486 6.73 19.49 0.33
C PHE A 486 7.76 18.37 0.32
N HIS A 487 7.89 17.67 -0.82
CA HIS A 487 8.64 16.42 -0.82
C HIS A 487 10.14 16.65 -0.67
N VAL A 488 10.66 17.73 -1.26
CA VAL A 488 12.10 17.96 -1.26
C VAL A 488 12.60 18.28 0.14
N SER A 489 11.81 19.01 0.93
CA SER A 489 12.22 19.41 2.27
C SER A 489 11.91 18.37 3.33
N ASN A 490 11.28 17.25 2.96
CA ASN A 490 11.00 16.16 3.89
C ASN A 490 11.72 14.88 3.50
N ASP A 491 12.71 14.96 2.61
CA ASP A 491 13.52 13.82 2.20
C ASP A 491 12.64 12.71 1.61
N TYR A 492 11.97 13.05 0.53
CA TYR A 492 11.05 12.15 -0.15
C TYR A 492 11.47 11.97 -1.61
N SER A 493 11.43 10.73 -2.09
CA SER A 493 11.63 10.49 -3.51
C SER A 493 10.45 11.06 -4.29
N PHE A 494 10.74 11.50 -5.52
CA PHE A 494 9.74 12.20 -6.31
C PHE A 494 9.65 11.67 -7.73
N ILE A 495 10.28 10.52 -8.01
CA ILE A 495 10.18 9.92 -9.33
C ILE A 495 9.07 8.88 -9.43
N ARG A 496 8.56 8.40 -8.30
CA ARG A 496 7.47 7.43 -8.34
C ARG A 496 6.24 8.01 -9.04
N TYR A 497 6.06 9.33 -8.99
CA TYR A 497 4.92 9.95 -9.64
C TYR A 497 5.04 9.95 -11.16
N TYR A 498 6.24 9.70 -11.69
CA TYR A 498 6.41 9.63 -13.14
C TYR A 498 6.04 8.24 -13.66
N THR A 499 6.77 7.21 -13.21
CA THR A 499 6.57 5.87 -13.74
C THR A 499 5.14 5.39 -13.55
N ARG A 500 4.55 5.69 -12.39
CA ARG A 500 3.15 5.35 -12.15
C ARG A 500 2.27 5.85 -13.28
N THR A 501 2.42 7.13 -13.64
CA THR A 501 1.56 7.72 -14.66
C THR A 501 1.65 6.94 -15.97
N LEU A 502 2.78 6.30 -16.23
CA LEU A 502 2.88 5.45 -17.41
C LEU A 502 2.30 4.07 -17.14
N TYR A 503 2.66 3.48 -15.99
CA TYR A 503 2.35 2.08 -15.74
C TYR A 503 0.84 1.84 -15.83
N GLN A 504 0.04 2.72 -15.26
CA GLN A 504 -1.41 2.53 -15.28
C GLN A 504 -1.92 2.43 -16.71
N PHE A 505 -1.45 3.30 -17.60
CA PHE A 505 -1.95 3.26 -18.97
C PHE A 505 -1.47 2.02 -19.71
N GLN A 506 -0.42 1.37 -19.21
CA GLN A 506 -0.05 0.07 -19.76
C GLN A 506 -1.00 -1.01 -19.27
N PHE A 507 -1.40 -0.93 -18.00
CA PHE A 507 -2.31 -1.94 -17.46
C PHE A 507 -3.69 -1.84 -18.09
N GLN A 508 -4.24 -0.63 -18.14
CA GLN A 508 -5.61 -0.42 -18.59
C GLN A 508 -5.89 -1.12 -19.92
N GLU A 509 -5.16 -0.70 -20.96
CA GLU A 509 -5.40 -1.28 -22.28
C GLU A 509 -5.22 -2.79 -22.26
N ALA A 510 -4.25 -3.28 -21.47
CA ALA A 510 -4.04 -4.73 -21.39
C ALA A 510 -5.29 -5.42 -20.90
N LEU A 511 -5.91 -4.89 -19.84
CA LEU A 511 -7.16 -5.45 -19.37
C LEU A 511 -8.25 -5.32 -20.44
N CYS A 512 -8.25 -4.19 -21.16
CA CYS A 512 -9.21 -4.03 -22.24
C CYS A 512 -8.93 -4.97 -23.41
N GLN A 513 -7.73 -5.56 -23.48
CA GLN A 513 -7.50 -6.59 -24.47
C GLN A 513 -8.10 -7.93 -24.08
N ALA A 514 -8.53 -8.08 -22.82
CA ALA A 514 -9.27 -9.25 -22.38
C ALA A 514 -10.76 -8.98 -22.23
N ALA A 515 -11.18 -7.72 -22.27
CA ALA A 515 -12.58 -7.35 -22.20
C ALA A 515 -13.22 -7.23 -23.58
N LYS A 516 -12.45 -7.47 -24.65
CA LYS A 516 -12.97 -7.42 -26.02
C LYS A 516 -13.62 -6.08 -26.33
N HIS A 517 -12.99 -5.01 -25.87
CA HIS A 517 -13.52 -3.67 -26.11
C HIS A 517 -13.35 -3.27 -27.57
N GLU A 518 -14.36 -2.60 -28.12
CA GLU A 518 -14.34 -2.09 -29.48
C GLU A 518 -14.54 -0.59 -29.44
N GLY A 519 -13.58 0.16 -29.99
CA GLY A 519 -13.68 1.60 -30.04
C GLY A 519 -12.50 2.29 -29.37
N PRO A 520 -12.70 3.55 -28.98
CA PRO A 520 -11.62 4.30 -28.33
C PRO A 520 -11.28 3.72 -26.97
N LEU A 521 -10.13 4.14 -26.46
CA LEU A 521 -9.63 3.66 -25.17
C LEU A 521 -10.09 4.51 -24.00
N HIS A 522 -10.73 5.65 -24.24
CA HIS A 522 -11.18 6.53 -23.17
C HIS A 522 -12.57 6.17 -22.66
N LYS A 523 -13.17 5.09 -23.16
CA LYS A 523 -14.48 4.64 -22.70
C LYS A 523 -14.49 3.18 -22.30
N CYS A 524 -13.33 2.54 -22.18
CA CYS A 524 -13.28 1.14 -21.80
C CYS A 524 -13.61 0.96 -20.32
N ASP A 525 -14.35 -0.10 -20.01
CA ASP A 525 -14.69 -0.46 -18.64
C ASP A 525 -14.44 -1.95 -18.45
N ILE A 526 -13.80 -2.30 -17.33
CA ILE A 526 -13.46 -3.69 -17.06
C ILE A 526 -14.55 -4.41 -16.27
N SER A 527 -15.68 -3.76 -16.01
CA SER A 527 -16.74 -4.37 -15.22
C SER A 527 -17.37 -5.54 -15.97
N ASN A 528 -17.87 -6.51 -15.19
CA ASN A 528 -18.51 -7.71 -15.74
C ASN A 528 -17.57 -8.47 -16.68
N SER A 529 -16.30 -8.55 -16.32
CA SER A 529 -15.30 -9.23 -17.14
C SER A 529 -14.38 -10.02 -16.21
N THR A 530 -14.56 -11.34 -16.17
CA THR A 530 -13.75 -12.17 -15.28
C THR A 530 -12.33 -12.35 -15.77
N GLU A 531 -12.12 -12.32 -17.10
CA GLU A 531 -10.77 -12.51 -17.63
C GLU A 531 -9.85 -11.37 -17.22
N ALA A 532 -10.33 -10.13 -17.29
CA ALA A 532 -9.52 -9.00 -16.86
C ALA A 532 -9.21 -9.08 -15.38
N GLY A 533 -10.19 -9.48 -14.57
CA GLY A 533 -9.95 -9.63 -13.14
C GLY A 533 -8.91 -10.68 -12.83
N GLN A 534 -8.97 -11.83 -13.53
CA GLN A 534 -7.97 -12.86 -13.32
C GLN A 534 -6.58 -12.39 -13.75
N LYS A 535 -6.51 -11.68 -14.88
CA LYS A 535 -5.22 -11.16 -15.34
C LYS A 535 -4.62 -10.17 -14.35
N LEU A 536 -5.46 -9.30 -13.78
CA LEU A 536 -4.98 -8.36 -12.77
C LEU A 536 -4.56 -9.08 -11.49
N PHE A 537 -5.35 -10.04 -11.04
CA PHE A 537 -5.03 -10.77 -9.82
C PHE A 537 -3.73 -11.54 -9.96
N ASN A 538 -3.42 -12.03 -11.17
CA ASN A 538 -2.15 -12.73 -11.37
C ASN A 538 -0.97 -11.84 -11.00
N MET A 539 -1.02 -10.55 -11.37
CA MET A 539 0.03 -9.64 -10.98
C MET A 539 -0.06 -9.28 -9.50
N LEU A 540 -1.28 -9.03 -9.00
CA LEU A 540 -1.42 -8.54 -7.63
C LEU A 540 -0.92 -9.56 -6.61
N ARG A 541 -1.21 -10.85 -6.82
CA ARG A 541 -0.89 -11.84 -5.81
C ARG A 541 0.61 -12.05 -5.64
N LEU A 542 1.43 -11.58 -6.58
CA LEU A 542 2.86 -11.84 -6.52
C LEU A 542 3.55 -10.97 -5.48
N GLY A 543 3.11 -9.72 -5.32
CA GLY A 543 3.75 -8.84 -4.36
C GLY A 543 5.15 -8.48 -4.82
N LYS A 544 6.10 -8.53 -3.89
CA LYS A 544 7.49 -8.21 -4.17
C LYS A 544 8.36 -9.44 -4.36
N SER A 545 7.75 -10.63 -4.46
CA SER A 545 8.52 -11.86 -4.54
C SER A 545 9.24 -12.04 -5.88
N GLU A 546 8.91 -11.24 -6.88
CA GLU A 546 9.50 -11.35 -8.21
C GLU A 546 9.97 -9.98 -8.68
N PRO A 547 10.94 -9.94 -9.59
CA PRO A 547 11.35 -8.65 -10.16
C PRO A 547 10.19 -7.98 -10.87
N TRP A 548 10.16 -6.65 -10.78
CA TRP A 548 9.03 -5.90 -11.35
C TRP A 548 8.96 -6.04 -12.86
N THR A 549 10.06 -6.41 -13.52
CA THR A 549 10.00 -6.66 -14.96
C THR A 549 9.11 -7.87 -15.25
N LEU A 550 9.23 -8.93 -14.47
CA LEU A 550 8.36 -10.09 -14.63
C LEU A 550 6.91 -9.74 -14.36
N ALA A 551 6.66 -8.92 -13.33
CA ALA A 551 5.30 -8.53 -13.02
C ALA A 551 4.69 -7.70 -14.15
N LEU A 552 5.45 -6.78 -14.71
CA LEU A 552 4.96 -5.99 -15.83
C LEU A 552 4.71 -6.87 -17.06
N GLU A 553 5.62 -7.81 -17.33
CA GLU A 553 5.46 -8.69 -18.49
C GLU A 553 4.26 -9.62 -18.34
N ASN A 554 3.95 -10.02 -17.10
CA ASN A 554 2.84 -10.92 -16.87
C ASN A 554 1.49 -10.29 -17.22
N VAL A 555 1.44 -8.98 -17.41
CA VAL A 555 0.21 -8.27 -17.72
C VAL A 555 0.25 -7.66 -19.12
N VAL A 556 1.27 -6.86 -19.41
CA VAL A 556 1.29 -6.10 -20.67
C VAL A 556 2.08 -6.80 -21.76
N GLY A 557 2.84 -7.85 -21.44
CA GLY A 557 3.66 -8.49 -22.44
C GLY A 557 4.94 -7.76 -22.80
N ALA A 558 5.34 -6.78 -22.00
CA ALA A 558 6.55 -6.02 -22.24
C ALA A 558 7.43 -6.05 -21.00
N LYS A 559 8.75 -5.99 -21.21
CA LYS A 559 9.72 -6.07 -20.13
C LYS A 559 10.24 -4.71 -19.69
N ASN A 560 9.63 -3.62 -20.15
CA ASN A 560 10.13 -2.30 -19.80
C ASN A 560 8.97 -1.31 -19.79
N MET A 561 9.18 -0.20 -19.10
CA MET A 561 8.21 0.87 -19.05
C MET A 561 8.07 1.51 -20.42
N ASN A 562 6.82 1.81 -20.81
CA ASN A 562 6.52 2.33 -22.13
C ASN A 562 5.40 3.36 -22.02
N VAL A 563 5.35 4.26 -23.01
CA VAL A 563 4.37 5.34 -22.99
C VAL A 563 3.45 5.31 -24.21
N ARG A 564 3.67 4.43 -25.18
CA ARG A 564 2.80 4.37 -26.35
C ARG A 564 1.32 4.22 -26.00
N PRO A 565 0.92 3.39 -25.02
CA PRO A 565 -0.51 3.37 -24.65
C PRO A 565 -1.05 4.71 -24.18
N LEU A 566 -0.22 5.55 -23.56
CA LEU A 566 -0.68 6.88 -23.17
C LEU A 566 -1.09 7.71 -24.38
N LEU A 567 -0.25 7.70 -25.42
CA LEU A 567 -0.57 8.42 -26.64
C LEU A 567 -1.76 7.79 -27.35
N ASN A 568 -1.89 6.46 -27.30
CA ASN A 568 -3.08 5.82 -27.83
C ASN A 568 -4.33 6.30 -27.12
N TYR A 569 -4.26 6.44 -25.79
CA TYR A 569 -5.38 6.95 -25.01
C TYR A 569 -5.73 8.37 -25.41
N PHE A 570 -4.72 9.22 -25.59
CA PHE A 570 -4.94 10.64 -25.84
C PHE A 570 -5.04 11.00 -27.32
N GLU A 571 -5.05 10.00 -28.21
CA GLU A 571 -5.15 10.26 -29.64
C GLU A 571 -6.30 11.19 -30.04
N PRO A 572 -7.54 11.04 -29.56
CA PRO A 572 -8.58 11.98 -29.99
C PRO A 572 -8.28 13.43 -29.62
N LEU A 573 -7.88 13.67 -28.36
CA LEU A 573 -7.51 15.02 -27.96
C LEU A 573 -6.26 15.50 -28.72
N PHE A 574 -5.35 14.58 -29.03
CA PHE A 574 -4.17 14.96 -29.81
C PHE A 574 -4.58 15.46 -31.19
N THR A 575 -5.49 14.75 -31.86
CA THR A 575 -5.96 15.17 -33.17
C THR A 575 -6.71 16.50 -33.08
N TRP A 576 -7.55 16.66 -32.05
CA TRP A 576 -8.27 17.93 -31.89
C TRP A 576 -7.31 19.09 -31.67
N LEU A 577 -6.28 18.87 -30.85
CA LEU A 577 -5.29 19.92 -30.60
C LEU A 577 -4.51 20.25 -31.87
N LYS A 578 -4.16 19.23 -32.65
CA LYS A 578 -3.44 19.47 -33.90
C LYS A 578 -4.31 20.28 -34.88
N ASP A 579 -5.61 19.98 -34.93
CA ASP A 579 -6.50 20.74 -35.79
C ASP A 579 -6.65 22.18 -35.28
N GLN A 580 -6.73 22.36 -33.96
CA GLN A 580 -6.97 23.68 -33.39
C GLN A 580 -5.74 24.58 -33.42
N ASN A 581 -4.55 23.99 -33.45
CA ASN A 581 -3.30 24.75 -33.38
C ASN A 581 -2.79 25.19 -34.75
N LYS A 582 -3.69 25.33 -35.73
CA LYS A 582 -3.25 25.73 -37.06
C LYS A 582 -2.68 27.14 -37.08
N ASN A 583 -3.21 28.03 -36.25
CA ASN A 583 -2.74 29.41 -36.19
C ASN A 583 -1.79 29.66 -35.04
N SER A 584 -1.94 28.97 -33.91
CA SER A 584 -1.05 29.14 -32.79
C SER A 584 0.31 28.50 -33.08
N PHE A 585 1.33 28.98 -32.38
CA PHE A 585 2.70 28.52 -32.55
C PHE A 585 3.03 27.46 -31.50
N VAL A 586 3.67 26.38 -31.95
CA VAL A 586 4.12 25.31 -31.07
C VAL A 586 5.57 25.58 -30.70
N GLY A 587 5.85 25.66 -29.40
CA GLY A 587 7.17 25.90 -28.90
C GLY A 587 7.25 27.22 -28.13
N TRP A 588 8.44 27.47 -27.59
CA TRP A 588 8.67 28.68 -26.80
C TRP A 588 10.14 29.04 -26.88
N SER A 589 10.44 30.30 -26.57
CA SER A 589 11.79 30.83 -26.53
C SER A 589 12.22 31.04 -25.09
N THR A 590 13.39 30.50 -24.73
CA THR A 590 13.84 30.56 -23.34
C THR A 590 14.24 31.96 -22.92
N ASP A 591 14.80 32.75 -23.84
CA ASP A 591 15.31 34.07 -23.48
C ASP A 591 14.23 35.08 -23.15
N TRP A 592 12.96 34.78 -23.43
CA TRP A 592 11.89 35.72 -23.14
C TRP A 592 11.63 35.75 -21.63
N SER A 593 11.50 36.96 -21.09
CA SER A 593 11.17 37.18 -19.70
C SER A 593 10.14 38.27 -19.58
N PRO A 594 9.23 38.19 -18.59
CA PRO A 594 8.22 39.25 -18.44
C PRO A 594 8.80 40.62 -18.13
N TYR A 595 9.91 40.67 -17.40
CA TYR A 595 10.54 41.94 -17.04
C TYR A 595 11.63 42.37 -18.00
N ALA A 596 11.85 41.61 -19.06
CA ALA A 596 12.88 41.92 -20.07
C ALA A 596 14.26 42.07 -19.44
N THR B 1 -27.11 -47.65 31.74
CA THR B 1 -27.55 -46.46 31.01
C THR B 1 -26.70 -45.25 31.40
N ASN B 2 -25.39 -45.39 31.29
CA ASN B 2 -24.46 -44.33 31.65
C ASN B 2 -24.18 -43.48 30.42
N LEU B 3 -24.51 -42.20 30.49
CA LEU B 3 -24.20 -41.27 29.40
C LEU B 3 -22.73 -40.88 29.48
N CYS B 4 -22.03 -40.99 28.35
CA CYS B 4 -20.63 -40.61 28.32
C CYS B 4 -20.50 -39.10 28.54
N PRO B 5 -19.47 -38.65 29.27
CA PRO B 5 -19.38 -37.22 29.65
C PRO B 5 -18.90 -36.33 28.51
N PHE B 6 -19.71 -36.25 27.46
CA PHE B 6 -19.45 -35.31 26.37
C PHE B 6 -19.91 -33.89 26.67
N ASP B 7 -20.75 -33.71 27.69
CA ASP B 7 -21.31 -32.38 27.96
C ASP B 7 -20.30 -31.46 28.61
N GLU B 8 -19.52 -31.98 29.56
CA GLU B 8 -18.63 -31.15 30.35
C GLU B 8 -17.32 -30.83 29.64
N VAL B 9 -17.05 -31.43 28.48
CA VAL B 9 -15.81 -31.16 27.77
C VAL B 9 -15.95 -29.97 26.83
N PHE B 10 -17.09 -29.86 26.13
CA PHE B 10 -17.25 -28.82 25.13
C PHE B 10 -17.28 -27.43 25.75
N ASN B 11 -17.95 -27.29 26.90
CA ASN B 11 -18.19 -25.98 27.50
C ASN B 11 -17.26 -25.70 28.69
N ALA B 12 -16.06 -26.27 28.67
CA ALA B 12 -15.08 -25.98 29.71
C ALA B 12 -14.61 -24.53 29.58
N THR B 13 -14.19 -23.97 30.71
CA THR B 13 -13.81 -22.56 30.74
C THR B 13 -12.55 -22.30 29.90
N ARG B 14 -11.57 -23.21 29.95
CA ARG B 14 -10.32 -23.01 29.23
C ARG B 14 -9.79 -24.36 28.75
N PHE B 15 -9.08 -24.32 27.63
CA PHE B 15 -8.37 -25.47 27.09
C PHE B 15 -6.87 -25.19 27.12
N ALA B 16 -6.09 -26.27 27.22
CA ALA B 16 -4.66 -26.13 27.34
C ALA B 16 -4.05 -25.67 26.01
N SER B 17 -2.74 -25.48 26.01
CA SER B 17 -2.05 -24.98 24.84
C SER B 17 -2.04 -26.04 23.74
N VAL B 18 -1.58 -25.63 22.56
CA VAL B 18 -1.57 -26.52 21.40
C VAL B 18 -0.63 -27.70 21.63
N TYR B 19 0.57 -27.42 22.15
CA TYR B 19 1.54 -28.48 22.40
C TYR B 19 1.23 -29.28 23.67
N ALA B 20 0.30 -28.81 24.50
CA ALA B 20 -0.18 -29.54 25.66
C ALA B 20 -1.65 -29.92 25.48
N TRP B 21 -2.02 -30.32 24.26
CA TRP B 21 -3.40 -30.61 23.93
C TRP B 21 -3.96 -31.71 24.83
N ASN B 22 -5.20 -31.55 25.25
CA ASN B 22 -5.79 -32.42 26.25
C ASN B 22 -6.37 -33.68 25.62
N ARG B 23 -6.23 -34.80 26.31
CA ARG B 23 -6.80 -36.07 25.91
C ARG B 23 -7.65 -36.63 27.04
N LYS B 24 -8.75 -37.28 26.67
CA LYS B 24 -9.62 -37.98 27.60
C LYS B 24 -9.92 -39.36 27.04
N ARG B 25 -9.80 -40.38 27.90
CA ARG B 25 -10.12 -41.75 27.55
C ARG B 25 -11.51 -42.07 28.10
N ILE B 26 -12.40 -42.49 27.21
CA ILE B 26 -13.80 -42.71 27.55
C ILE B 26 -14.17 -44.14 27.19
N SER B 27 -14.76 -44.86 28.14
CA SER B 27 -15.18 -46.23 27.94
C SER B 27 -16.27 -46.57 28.95
N ASN B 28 -17.02 -47.63 28.64
CA ASN B 28 -18.08 -48.16 29.51
C ASN B 28 -19.12 -47.08 29.82
N CYS B 29 -19.76 -46.59 28.77
CA CYS B 29 -20.88 -45.67 28.87
C CYS B 29 -21.62 -45.66 27.54
N VAL B 30 -22.58 -44.76 27.39
CA VAL B 30 -23.36 -44.61 26.18
C VAL B 30 -23.17 -43.20 25.65
N ALA B 31 -22.73 -43.08 24.40
CA ALA B 31 -22.53 -41.80 23.75
C ALA B 31 -23.48 -41.68 22.57
N ASP B 32 -24.25 -40.59 22.55
CA ASP B 32 -25.22 -40.33 21.49
C ASP B 32 -24.78 -39.10 20.72
N TYR B 33 -24.45 -39.27 19.44
CA TYR B 33 -24.05 -38.16 18.59
C TYR B 33 -25.22 -37.50 17.89
N SER B 34 -26.43 -38.03 18.03
CA SER B 34 -27.60 -37.41 17.42
C SER B 34 -27.96 -36.09 18.07
N VAL B 35 -27.42 -35.81 19.25
CA VAL B 35 -27.66 -34.53 19.90
C VAL B 35 -27.06 -33.40 19.08
N LEU B 36 -25.81 -33.56 18.65
CA LEU B 36 -25.15 -32.57 17.81
C LEU B 36 -25.29 -32.87 16.32
N TYR B 37 -25.89 -34.00 15.94
CA TYR B 37 -26.01 -34.34 14.54
C TYR B 37 -27.01 -33.46 13.81
N ASN B 38 -28.10 -33.07 14.49
CA ASN B 38 -29.16 -32.25 13.88
C ASN B 38 -29.55 -31.12 14.82
N LEU B 39 -28.56 -30.41 15.35
CA LEU B 39 -28.78 -29.23 16.18
C LEU B 39 -28.09 -28.00 15.65
N ALA B 40 -26.88 -28.15 15.10
CA ALA B 40 -26.10 -27.05 14.54
C ALA B 40 -25.91 -25.86 15.48
N PRO B 41 -25.27 -26.06 16.64
CA PRO B 41 -24.76 -24.92 17.42
C PRO B 41 -23.30 -24.59 17.14
N PHE B 42 -22.62 -25.40 16.33
CA PHE B 42 -21.24 -25.23 15.95
C PHE B 42 -21.15 -24.63 14.55
N PHE B 43 -19.95 -24.59 14.00
CA PHE B 43 -19.75 -24.11 12.64
C PHE B 43 -19.23 -25.17 11.68
N THR B 44 -18.23 -25.96 12.08
CA THR B 44 -17.64 -26.94 11.16
C THR B 44 -17.61 -28.31 11.80
N PHE B 45 -18.10 -29.32 11.08
CA PHE B 45 -18.01 -30.71 11.47
C PHE B 45 -17.69 -31.54 10.25
N LYS B 46 -16.65 -32.37 10.35
CA LYS B 46 -16.29 -33.24 9.23
C LYS B 46 -15.49 -34.41 9.77
N CYS B 47 -15.51 -35.53 9.04
CA CYS B 47 -14.79 -36.69 9.55
C CYS B 47 -14.62 -37.79 8.51
N TYR B 48 -13.85 -38.80 8.92
CA TYR B 48 -13.38 -39.86 8.04
C TYR B 48 -13.56 -41.20 8.74
N GLY B 49 -13.73 -42.24 7.94
CA GLY B 49 -13.85 -43.60 8.45
C GLY B 49 -15.26 -44.08 8.73
N VAL B 50 -16.01 -43.32 9.51
CA VAL B 50 -17.37 -43.68 9.90
C VAL B 50 -18.32 -42.61 9.39
N SER B 51 -19.39 -43.05 8.73
CA SER B 51 -20.40 -42.12 8.23
C SER B 51 -21.31 -41.67 9.37
N PRO B 52 -21.51 -40.36 9.54
CA PRO B 52 -22.37 -39.89 10.65
C PRO B 52 -23.83 -40.28 10.48
N THR B 53 -24.26 -40.70 9.29
CA THR B 53 -25.68 -40.98 9.03
C THR B 53 -26.06 -42.31 9.65
N LYS B 54 -26.23 -42.28 10.98
CA LYS B 54 -26.72 -43.42 11.75
C LYS B 54 -25.81 -44.64 11.59
N LEU B 55 -24.56 -44.49 12.02
CA LEU B 55 -23.61 -45.59 12.10
C LEU B 55 -23.13 -45.83 13.53
N ASN B 56 -23.89 -45.38 14.51
CA ASN B 56 -23.56 -45.63 15.91
C ASN B 56 -23.95 -47.03 16.37
N ASP B 57 -24.50 -47.85 15.47
CA ASP B 57 -24.85 -49.23 15.78
C ASP B 57 -23.63 -50.13 15.94
N LEU B 58 -22.46 -49.70 15.50
CA LEU B 58 -21.24 -50.47 15.61
C LEU B 58 -20.66 -50.34 17.02
N CYS B 59 -19.69 -51.18 17.33
CA CYS B 59 -19.06 -51.23 18.65
C CYS B 59 -17.60 -50.83 18.55
N PHE B 60 -17.17 -49.99 19.48
CA PHE B 60 -15.79 -49.51 19.54
C PHE B 60 -15.20 -49.83 20.91
N THR B 61 -13.87 -49.93 20.95
CA THR B 61 -13.19 -50.28 22.20
C THR B 61 -13.08 -49.08 23.13
N ASN B 62 -12.54 -47.97 22.65
CA ASN B 62 -12.35 -46.79 23.47
C ASN B 62 -12.62 -45.54 22.63
N VAL B 63 -12.85 -44.43 23.32
CA VAL B 63 -13.07 -43.13 22.67
C VAL B 63 -12.04 -42.15 23.20
N TYR B 64 -11.28 -41.55 22.29
CA TYR B 64 -10.35 -40.48 22.62
C TYR B 64 -11.00 -39.14 22.35
N ALA B 65 -10.84 -38.22 23.29
CA ALA B 65 -11.56 -36.95 23.27
C ALA B 65 -10.60 -35.77 23.12
N ASP B 66 -9.70 -35.86 22.14
CA ASP B 66 -8.66 -34.85 21.97
C ASP B 66 -9.28 -33.47 21.86
N SER B 67 -8.66 -32.48 22.50
CA SER B 67 -9.21 -31.13 22.47
C SER B 67 -8.07 -30.11 22.59
N PHE B 68 -8.20 -29.03 21.82
CA PHE B 68 -7.27 -27.91 21.92
C PHE B 68 -7.87 -26.70 21.21
N VAL B 69 -7.08 -25.63 21.10
CA VAL B 69 -7.48 -24.41 20.41
C VAL B 69 -6.30 -23.92 19.60
N ILE B 70 -6.55 -23.51 18.34
CA ILE B 70 -5.51 -23.11 17.41
C ILE B 70 -5.98 -21.86 16.67
N ARG B 71 -5.16 -21.44 15.71
CA ARG B 71 -5.55 -20.37 14.80
C ARG B 71 -6.59 -20.89 13.81
N GLY B 72 -7.35 -19.96 13.23
CA GLY B 72 -8.41 -20.36 12.30
C GLY B 72 -7.86 -21.02 11.05
N ASP B 73 -6.89 -20.38 10.39
CA ASP B 73 -6.37 -20.89 9.12
C ASP B 73 -5.69 -22.24 9.27
N GLU B 74 -5.32 -22.61 10.49
CA GLU B 74 -4.67 -23.90 10.72
C GLU B 74 -5.67 -25.03 10.93
N VAL B 75 -6.97 -24.74 10.91
CA VAL B 75 -7.96 -25.80 11.04
C VAL B 75 -7.86 -26.78 9.89
N ARG B 76 -7.33 -26.34 8.75
CA ARG B 76 -7.11 -27.22 7.61
C ARG B 76 -6.06 -28.27 7.90
N GLN B 77 -5.13 -28.00 8.80
CA GLN B 77 -4.02 -28.91 9.05
C GLN B 77 -4.39 -30.11 9.90
N ILE B 78 -5.57 -30.09 10.53
CA ILE B 78 -6.03 -31.23 11.33
C ILE B 78 -6.78 -32.15 10.39
N ALA B 79 -6.02 -32.98 9.68
CA ALA B 79 -6.56 -33.91 8.68
C ALA B 79 -5.49 -34.92 8.29
N PRO B 80 -5.86 -36.15 7.94
CA PRO B 80 -4.87 -37.13 7.52
C PRO B 80 -4.14 -36.69 6.26
N GLY B 81 -2.86 -37.02 6.19
CA GLY B 81 -2.05 -36.69 5.02
C GLY B 81 -1.90 -35.21 4.78
N GLN B 82 -1.59 -34.45 5.83
CA GLN B 82 -1.42 -33.01 5.73
C GLN B 82 -0.07 -32.60 6.30
N THR B 83 0.51 -31.54 5.73
CA THR B 83 1.81 -31.03 6.14
C THR B 83 1.72 -29.53 6.38
N GLY B 84 2.39 -29.06 7.42
CA GLY B 84 2.37 -27.66 7.76
C GLY B 84 3.04 -27.42 9.09
N ASN B 85 2.82 -26.23 9.64
CA ASN B 85 3.37 -25.91 10.97
C ASN B 85 2.78 -26.83 12.03
N ILE B 86 1.45 -26.91 12.09
CA ILE B 86 0.79 -27.75 13.08
C ILE B 86 1.08 -29.22 12.80
N ALA B 87 1.00 -29.63 11.53
CA ALA B 87 1.17 -31.03 11.17
C ALA B 87 2.61 -31.52 11.32
N ASP B 88 3.57 -30.63 11.54
CA ASP B 88 4.96 -31.03 11.71
C ASP B 88 5.50 -30.77 13.10
N TYR B 89 5.01 -29.75 13.81
CA TYR B 89 5.57 -29.35 15.09
C TYR B 89 4.60 -29.45 16.26
N ASN B 90 3.30 -29.57 16.02
CA ASN B 90 2.33 -29.55 17.10
C ASN B 90 1.52 -30.82 17.22
N TYR B 91 0.88 -31.29 16.15
CA TYR B 91 0.00 -32.46 16.23
C TYR B 91 -0.08 -33.09 14.83
N LYS B 92 0.23 -34.37 14.75
CA LYS B 92 0.20 -35.11 13.49
C LYS B 92 -0.78 -36.26 13.60
N LEU B 93 -1.71 -36.36 12.61
CA LEU B 93 -2.74 -37.39 12.56
C LEU B 93 -2.31 -38.54 11.64
N PRO B 94 -2.77 -39.76 11.91
CA PRO B 94 -2.38 -40.89 11.07
C PRO B 94 -3.00 -40.79 9.68
N ASP B 95 -2.35 -41.46 8.73
CA ASP B 95 -2.81 -41.42 7.34
C ASP B 95 -4.18 -42.07 7.18
N ASP B 96 -4.43 -43.17 7.89
CA ASP B 96 -5.71 -43.88 7.85
C ASP B 96 -6.58 -43.51 9.04
N PHE B 97 -6.54 -42.25 9.45
CA PHE B 97 -7.26 -41.79 10.63
C PHE B 97 -8.76 -42.05 10.52
N THR B 98 -9.34 -42.60 11.58
CA THR B 98 -10.77 -42.86 11.67
C THR B 98 -11.32 -42.10 12.87
N GLY B 99 -12.26 -41.22 12.61
CA GLY B 99 -12.84 -40.41 13.67
C GLY B 99 -13.38 -39.11 13.11
N CYS B 100 -13.91 -38.29 14.03
CA CYS B 100 -14.59 -37.06 13.66
C CYS B 100 -13.93 -35.83 14.29
N VAL B 101 -14.07 -34.69 13.61
CA VAL B 101 -13.46 -33.43 14.03
C VAL B 101 -14.52 -32.35 13.98
N ILE B 102 -14.65 -31.62 15.08
CA ILE B 102 -15.59 -30.50 15.20
C ILE B 102 -14.78 -29.26 15.56
N ALA B 103 -14.92 -28.22 14.75
CA ALA B 103 -14.21 -26.96 14.97
C ALA B 103 -15.22 -25.82 14.97
N TRP B 104 -15.08 -24.92 15.96
CA TRP B 104 -15.98 -23.80 16.04
C TRP B 104 -15.25 -22.56 16.56
N ASN B 105 -15.75 -21.39 16.17
CA ASN B 105 -15.13 -20.13 16.53
C ASN B 105 -15.29 -19.86 18.02
N SER B 106 -14.26 -19.23 18.60
CA SER B 106 -14.24 -18.90 20.02
C SER B 106 -13.71 -17.48 20.23
N ASN B 107 -14.17 -16.54 19.39
CA ASN B 107 -13.69 -15.17 19.52
C ASN B 107 -14.24 -14.48 20.76
N LYS B 108 -15.49 -14.78 21.14
CA LYS B 108 -16.10 -14.15 22.30
C LYS B 108 -15.48 -14.61 23.62
N LEU B 109 -14.66 -15.65 23.61
CA LEU B 109 -14.07 -16.20 24.82
C LEU B 109 -12.56 -16.04 24.89
N ASP B 110 -11.83 -16.48 23.88
CA ASP B 110 -10.38 -16.55 23.94
C ASP B 110 -9.69 -15.29 23.40
N SER B 111 -10.44 -14.27 23.01
CA SER B 111 -9.87 -13.04 22.48
C SER B 111 -9.92 -11.96 23.54
N LYS B 112 -8.76 -11.35 23.81
CA LYS B 112 -8.65 -10.25 24.76
C LYS B 112 -7.93 -9.09 24.10
N VAL B 113 -8.38 -7.87 24.41
CA VAL B 113 -7.71 -6.69 23.89
C VAL B 113 -6.27 -6.65 24.42
N SER B 114 -5.36 -6.17 23.58
CA SER B 114 -3.92 -6.10 23.87
C SER B 114 -3.29 -7.48 24.02
N GLY B 115 -3.88 -8.50 23.45
CA GLY B 115 -3.27 -9.81 23.37
C GLY B 115 -3.76 -10.76 24.46
N ASN B 116 -3.64 -12.06 24.18
CA ASN B 116 -4.05 -13.12 25.14
C ASN B 116 -2.92 -14.15 25.22
N TYR B 117 -1.71 -13.70 25.57
CA TYR B 117 -0.53 -14.60 25.69
C TYR B 117 -0.77 -15.65 26.78
N ASN B 118 -1.42 -16.76 26.43
CA ASN B 118 -1.71 -17.86 27.37
C ASN B 118 -1.65 -19.17 26.58
N TYR B 119 -1.70 -19.06 25.25
CA TYR B 119 -1.64 -20.21 24.36
C TYR B 119 -0.27 -20.28 23.69
N LEU B 120 0.36 -21.44 23.79
CA LEU B 120 1.71 -21.65 23.30
C LEU B 120 1.71 -22.69 22.19
N TYR B 121 2.65 -22.54 21.25
CA TYR B 121 2.82 -23.53 20.20
C TYR B 121 4.28 -23.54 19.77
N ARG B 122 4.75 -24.73 19.38
CA ARG B 122 6.13 -24.89 18.95
C ARG B 122 6.32 -24.33 17.54
N LEU B 123 7.47 -23.72 17.31
CA LEU B 123 7.81 -23.13 16.02
C LEU B 123 8.98 -23.82 15.33
N PHE B 124 10.02 -24.17 16.08
CA PHE B 124 11.18 -24.86 15.53
C PHE B 124 11.30 -26.25 16.14
N ARG B 125 11.68 -27.22 15.32
CA ARG B 125 11.90 -28.57 15.80
C ARG B 125 13.03 -29.21 15.01
N LYS B 126 13.71 -30.16 15.65
CA LYS B 126 14.85 -30.85 15.04
C LYS B 126 14.44 -31.97 14.09
N SER B 127 13.18 -32.38 14.11
CA SER B 127 12.70 -33.48 13.29
C SER B 127 11.18 -33.35 13.15
N ASN B 128 10.54 -34.41 12.67
CA ASN B 128 9.10 -34.44 12.51
C ASN B 128 8.48 -35.25 13.66
N LEU B 129 7.16 -35.35 13.64
CA LEU B 129 6.39 -35.97 14.71
C LEU B 129 5.86 -37.32 14.27
N LYS B 130 6.11 -38.34 15.08
CA LYS B 130 5.45 -39.62 14.92
C LYS B 130 3.97 -39.48 15.28
N PRO B 131 3.11 -40.33 14.73
CA PRO B 131 1.68 -40.23 15.05
C PRO B 131 1.42 -40.37 16.54
N PHE B 132 0.54 -39.51 17.05
CA PHE B 132 0.12 -39.51 18.46
C PHE B 132 1.32 -39.44 19.40
N GLU B 133 2.03 -38.32 19.32
CA GLU B 133 3.20 -38.07 20.15
C GLU B 133 3.02 -36.77 20.92
N ARG B 134 3.74 -36.66 22.03
CA ARG B 134 3.66 -35.50 22.91
C ARG B 134 5.00 -34.78 22.96
N ASP B 135 4.94 -33.45 23.11
CA ASP B 135 6.12 -32.60 23.20
C ASP B 135 5.95 -31.65 24.37
N ILE B 136 6.75 -31.83 25.42
CA ILE B 136 6.72 -30.96 26.58
C ILE B 136 8.13 -30.50 26.89
N SER B 137 8.99 -30.50 25.88
CA SER B 137 10.38 -30.10 26.06
C SER B 137 10.52 -28.59 25.97
N THR B 138 11.46 -28.06 26.74
CA THR B 138 11.81 -26.65 26.71
C THR B 138 13.28 -26.42 26.31
N GLU B 139 13.88 -27.41 25.65
CA GLU B 139 15.28 -27.31 25.24
C GLU B 139 15.44 -26.25 24.17
N ILE B 140 16.59 -25.57 24.19
CA ILE B 140 16.90 -24.55 23.21
C ILE B 140 17.24 -25.20 21.88
N TYR B 141 16.58 -24.75 20.82
CA TYR B 141 16.81 -25.30 19.48
C TYR B 141 18.12 -24.76 18.92
N GLN B 142 18.95 -25.66 18.40
CA GLN B 142 20.26 -25.31 17.87
C GLN B 142 20.17 -25.23 16.35
N ALA B 143 20.47 -24.06 15.80
CA ALA B 143 20.43 -23.84 14.36
C ALA B 143 21.80 -23.57 13.74
N GLY B 144 22.77 -23.11 14.53
CA GLY B 144 24.11 -22.82 14.05
C GLY B 144 25.07 -23.98 14.23
N ASN B 145 26.35 -23.64 14.34
CA ASN B 145 27.41 -24.64 14.51
C ASN B 145 28.14 -24.47 15.84
N LYS B 146 27.51 -23.82 16.82
CA LYS B 146 28.10 -23.61 18.13
C LYS B 146 27.13 -24.05 19.21
N PRO B 147 27.65 -24.53 20.35
CA PRO B 147 26.75 -24.87 21.46
C PRO B 147 26.01 -23.65 21.97
N CYS B 148 24.75 -23.86 22.35
CA CYS B 148 23.91 -22.75 22.80
C CYS B 148 24.19 -22.35 24.25
N ASN B 149 24.81 -23.23 25.03
CA ASN B 149 25.12 -22.98 26.45
C ASN B 149 23.86 -22.64 27.25
N GLY B 150 22.70 -23.10 26.78
CA GLY B 150 21.47 -22.92 27.51
C GLY B 150 20.91 -21.52 27.50
N VAL B 151 21.42 -20.63 26.66
CA VAL B 151 20.97 -19.24 26.61
C VAL B 151 20.68 -18.85 25.17
N ALA B 152 19.78 -17.88 25.00
CA ALA B 152 19.45 -17.38 23.68
C ALA B 152 20.55 -16.45 23.18
N GLY B 153 21.04 -16.73 21.98
CA GLY B 153 22.12 -15.96 21.41
C GLY B 153 22.19 -16.07 19.89
N PHE B 154 23.41 -16.21 19.37
CA PHE B 154 23.60 -16.35 17.90
C PHE B 154 23.19 -17.77 17.48
N ASN B 155 22.15 -17.86 16.64
CA ASN B 155 21.61 -19.14 16.10
C ASN B 155 21.02 -19.99 17.23
N CYS B 156 20.46 -19.35 18.25
CA CYS B 156 19.81 -20.06 19.39
C CYS B 156 18.45 -19.40 19.65
N TYR B 157 17.38 -20.21 19.63
CA TYR B 157 16.03 -19.66 19.75
C TYR B 157 15.23 -20.43 20.79
N PHE B 158 14.23 -19.77 21.34
CA PHE B 158 13.24 -20.43 22.20
C PHE B 158 12.19 -21.08 21.33
N PRO B 159 11.95 -22.39 21.44
CA PRO B 159 11.11 -23.09 20.45
C PRO B 159 9.61 -22.84 20.60
N LEU B 160 9.17 -22.04 21.57
CA LEU B 160 7.76 -21.82 21.82
C LEU B 160 7.39 -20.36 21.57
N ARG B 161 6.23 -20.18 20.93
CA ARG B 161 5.68 -18.84 20.60
C ARG B 161 4.23 -18.77 21.10
N SER B 162 3.76 -17.58 21.46
CA SER B 162 2.42 -17.39 21.97
C SER B 162 1.52 -16.71 20.95
N TYR B 163 0.32 -17.24 20.80
CA TYR B 163 -0.70 -16.56 20.00
C TYR B 163 -1.12 -15.28 20.68
N SER B 164 -1.10 -14.18 19.92
CA SER B 164 -1.52 -12.88 20.45
C SER B 164 -2.97 -12.60 20.07
N PHE B 165 -3.86 -13.49 20.51
CA PHE B 165 -5.27 -13.43 20.11
C PHE B 165 -5.91 -12.11 20.54
N ARG B 166 -6.38 -11.31 19.60
CA ARG B 166 -7.03 -10.02 19.97
C ARG B 166 -8.29 -9.99 19.12
N PRO B 167 -9.64 -9.49 19.56
CA PRO B 167 -10.97 -9.55 18.93
C PRO B 167 -11.07 -8.74 17.65
N THR B 168 -9.93 -8.34 17.08
CA THR B 168 -9.93 -7.55 15.84
C THR B 168 -9.11 -8.23 14.74
N TYR B 169 -8.82 -9.52 14.90
CA TYR B 169 -8.19 -10.26 13.83
C TYR B 169 -9.17 -10.53 12.70
N GLY B 170 -8.62 -10.95 11.56
CA GLY B 170 -9.44 -11.49 10.50
C GLY B 170 -9.91 -12.88 10.84
N VAL B 171 -10.80 -13.41 9.99
CA VAL B 171 -11.37 -14.73 10.26
C VAL B 171 -10.28 -15.79 10.26
N GLY B 172 -9.21 -15.58 9.49
CA GLY B 172 -8.13 -16.54 9.46
C GLY B 172 -7.34 -16.60 10.75
N HIS B 173 -7.10 -15.45 11.37
CA HIS B 173 -6.27 -15.37 12.57
C HIS B 173 -7.06 -15.53 13.86
N GLN B 174 -8.39 -15.57 13.79
CA GLN B 174 -9.22 -15.66 14.99
C GLN B 174 -9.14 -17.05 15.60
N PRO B 175 -9.28 -17.16 16.92
CA PRO B 175 -9.09 -18.46 17.58
C PRO B 175 -10.22 -19.41 17.28
N TYR B 176 -9.86 -20.67 16.99
CA TYR B 176 -10.83 -21.72 16.71
C TYR B 176 -10.57 -22.88 17.65
N ARG B 177 -11.62 -23.36 18.31
CA ARG B 177 -11.51 -24.50 19.21
C ARG B 177 -11.85 -25.78 18.46
N VAL B 178 -10.98 -26.78 18.60
CA VAL B 178 -11.05 -28.03 17.85
C VAL B 178 -11.16 -29.19 18.83
N VAL B 179 -12.12 -30.08 18.56
CA VAL B 179 -12.28 -31.32 19.31
C VAL B 179 -12.25 -32.47 18.31
N VAL B 180 -11.38 -33.44 18.58
CA VAL B 180 -11.24 -34.64 17.75
C VAL B 180 -11.71 -35.82 18.58
N LEU B 181 -12.78 -36.45 18.13
CA LEU B 181 -13.32 -37.66 18.73
C LEU B 181 -12.83 -38.85 17.91
N SER B 182 -11.93 -39.64 18.48
CA SER B 182 -11.34 -40.79 17.81
C SER B 182 -11.94 -42.07 18.38
N PHE B 183 -12.48 -42.91 17.51
CA PHE B 183 -13.11 -44.17 17.90
C PHE B 183 -12.10 -45.29 17.69
N GLU B 184 -11.37 -45.65 18.75
CA GLU B 184 -10.34 -46.67 18.65
C GLU B 184 -10.97 -48.04 18.86
N LEU B 185 -10.81 -48.93 17.87
CA LEU B 185 -11.37 -50.26 17.91
C LEU B 185 -10.28 -51.27 17.57
N LEU B 186 -10.15 -52.30 18.39
CA LEU B 186 -9.16 -53.36 18.20
C LEU B 186 -9.85 -54.69 18.46
N HIS B 187 -9.04 -55.76 18.55
CA HIS B 187 -9.58 -57.07 18.89
C HIS B 187 -9.98 -57.11 20.36
N ALA B 188 -11.24 -56.81 20.65
CA ALA B 188 -11.72 -56.68 22.01
C ALA B 188 -13.24 -56.81 21.98
N PRO B 189 -13.88 -57.07 23.13
CA PRO B 189 -15.35 -57.09 23.16
C PRO B 189 -15.98 -55.78 22.72
N ALA B 190 -15.30 -54.66 22.93
CA ALA B 190 -15.75 -53.35 22.46
C ALA B 190 -17.13 -52.99 23.01
N THR B 191 -17.19 -52.85 24.33
CA THR B 191 -18.44 -52.52 25.01
C THR B 191 -18.92 -51.11 24.71
N VAL B 192 -18.08 -50.25 24.15
CA VAL B 192 -18.44 -48.86 23.88
C VAL B 192 -19.00 -48.83 22.46
N CYS B 193 -20.30 -49.11 22.34
CA CYS B 193 -20.98 -49.12 21.05
C CYS B 193 -21.83 -47.88 20.82
N GLY B 194 -22.49 -47.38 21.86
CA GLY B 194 -23.33 -46.21 21.74
C GLY B 194 -24.59 -46.48 20.95
N PRO B 195 -25.51 -47.28 21.51
CA PRO B 195 -26.76 -47.65 20.83
C PRO B 195 -27.62 -46.43 20.48
#